data_1T50
#
_entry.id   1T50
#
_cell.length_a   1.000
_cell.length_b   1.000
_cell.length_c   1.000
_cell.angle_alpha   90.00
_cell.angle_beta   90.00
_cell.angle_gamma   90.00
#
_symmetry.space_group_name_H-M   'P 1'
#
_entity_poly.entity_id   1
_entity_poly.type   'polypeptide(L)'
_entity_poly.pdbx_seq_one_letter_code
;DQNCDIGNITSQCQMQHKNCEDANGCDTIIEECKTSMVERCQNQEFESAAGSTTLGPQ
;
_entity_poly.pdbx_strand_id   A
#
# COMPACT_ATOMS: atom_id res chain seq x y z
N ASP A 1 -19.93 -3.12 2.07
CA ASP A 1 -19.31 -1.99 2.76
C ASP A 1 -17.85 -1.89 2.35
N GLN A 2 -17.29 -3.02 1.92
CA GLN A 2 -15.88 -3.09 1.62
C GLN A 2 -15.06 -2.93 2.90
N ASN A 3 -13.87 -3.53 2.89
CA ASN A 3 -12.94 -3.36 4.00
C ASN A 3 -11.99 -2.20 3.68
N CYS A 4 -12.59 -1.11 3.23
CA CYS A 4 -11.83 -0.07 2.53
C CYS A 4 -11.22 -0.69 1.28
N ASP A 5 -10.93 0.18 0.31
CA ASP A 5 -10.31 -0.26 -0.92
C ASP A 5 -8.80 -0.07 -0.81
N ILE A 6 -8.09 -1.19 -0.80
CA ILE A 6 -6.64 -1.15 -0.76
C ILE A 6 -6.11 -0.34 -1.95
N GLY A 7 -6.83 -0.44 -3.05
CA GLY A 7 -6.35 0.10 -4.31
C GLY A 7 -6.92 1.50 -4.56
N ASN A 8 -7.01 2.26 -3.48
CA ASN A 8 -7.55 3.61 -3.55
C ASN A 8 -6.48 4.56 -4.08
N ILE A 9 -5.38 4.61 -3.35
CA ILE A 9 -4.41 5.68 -3.53
C ILE A 9 -3.28 5.19 -4.45
N THR A 10 -3.00 3.90 -4.33
CA THR A 10 -1.84 3.33 -4.98
C THR A 10 -1.96 3.44 -6.51
N SER A 11 -3.17 3.18 -6.99
CA SER A 11 -3.42 3.10 -8.41
C SER A 11 -2.86 4.36 -9.11
N GLN A 12 -2.98 5.47 -8.41
CA GLN A 12 -2.60 6.75 -8.99
C GLN A 12 -1.09 6.81 -9.19
N CYS A 13 -0.36 6.27 -8.23
CA CYS A 13 1.08 6.36 -8.24
C CYS A 13 1.62 5.21 -9.11
N GLN A 14 0.89 4.11 -9.10
CA GLN A 14 1.37 2.89 -9.74
C GLN A 14 1.66 3.15 -11.22
N MET A 15 0.68 3.72 -11.90
CA MET A 15 0.79 3.94 -13.33
C MET A 15 1.85 5.00 -13.64
N GLN A 16 1.93 5.98 -12.76
CA GLN A 16 2.71 7.18 -13.04
C GLN A 16 4.20 6.87 -12.97
N HIS A 17 4.62 6.34 -11.82
CA HIS A 17 6.03 6.23 -11.51
C HIS A 17 6.27 4.94 -10.72
N LYS A 18 5.98 3.83 -11.36
CA LYS A 18 6.13 2.53 -10.70
C LYS A 18 6.37 1.46 -11.76
N ASN A 19 7.65 1.12 -11.94
CA ASN A 19 8.01 -0.04 -12.73
C ASN A 19 7.37 -1.29 -12.14
N CYS A 20 6.53 -1.93 -12.93
CA CYS A 20 5.66 -2.98 -12.41
C CYS A 20 4.66 -2.35 -11.45
N GLU A 21 3.39 -2.47 -11.82
CA GLU A 21 2.33 -1.81 -11.07
C GLU A 21 1.82 -2.73 -9.96
N ASP A 22 2.72 -3.07 -9.05
CA ASP A 22 2.42 -4.06 -8.03
C ASP A 22 3.08 -3.65 -6.71
N ALA A 23 2.35 -3.84 -5.63
CA ALA A 23 2.92 -3.67 -4.30
C ALA A 23 3.75 -4.90 -3.95
N ASN A 24 4.40 -4.81 -2.79
CA ASN A 24 5.00 -5.99 -2.18
C ASN A 24 5.79 -6.76 -3.25
N GLY A 25 6.39 -6.00 -4.16
CA GLY A 25 7.16 -6.60 -5.22
C GLY A 25 8.26 -5.65 -5.72
N CYS A 26 7.81 -4.50 -6.21
CA CYS A 26 8.74 -3.47 -6.65
C CYS A 26 8.72 -2.34 -5.62
N ASP A 27 8.38 -2.71 -4.40
CA ASP A 27 7.84 -1.74 -3.44
C ASP A 27 8.94 -0.77 -3.03
N THR A 28 8.76 0.49 -3.42
CA THR A 28 9.73 1.52 -3.09
C THR A 28 9.08 2.90 -3.17
N ILE A 29 8.62 3.23 -4.36
CA ILE A 29 7.93 4.50 -4.58
C ILE A 29 6.49 4.38 -4.07
N ILE A 30 5.91 3.22 -4.33
CA ILE A 30 4.53 2.96 -3.90
C ILE A 30 4.46 3.10 -2.38
N GLU A 31 5.58 2.84 -1.72
CA GLU A 31 5.58 2.69 -0.28
C GLU A 31 4.93 3.90 0.39
N GLU A 32 5.34 5.07 -0.06
CA GLU A 32 4.88 6.30 0.57
C GLU A 32 3.42 6.59 0.18
N CYS A 33 3.12 6.33 -1.09
CA CYS A 33 1.77 6.49 -1.57
C CYS A 33 0.86 5.54 -0.80
N LYS A 34 1.43 4.41 -0.43
CA LYS A 34 0.65 3.31 0.12
C LYS A 34 0.37 3.58 1.60
N THR A 35 1.42 3.49 2.39
CA THR A 35 1.27 3.47 3.84
C THR A 35 0.46 4.67 4.30
N SER A 36 0.56 5.76 3.54
CA SER A 36 -0.16 6.97 3.86
C SER A 36 -1.64 6.65 4.11
N MET A 37 -2.32 6.27 3.03
CA MET A 37 -3.76 6.23 3.03
C MET A 37 -4.27 4.80 3.21
N VAL A 38 -3.36 3.86 3.04
CA VAL A 38 -3.72 2.45 3.05
C VAL A 38 -3.58 1.90 4.47
N GLU A 39 -3.13 2.78 5.37
CA GLU A 39 -3.06 2.43 6.78
C GLU A 39 -4.41 1.91 7.27
N ARG A 40 -5.46 2.52 6.74
CA ARG A 40 -6.81 2.09 7.07
C ARG A 40 -7.05 0.66 6.56
N CYS A 41 -6.40 0.36 5.45
CA CYS A 41 -6.62 -0.93 4.79
C CYS A 41 -5.50 -1.88 5.21
N GLN A 42 -4.81 -1.50 6.28
CA GLN A 42 -3.69 -2.28 6.76
C GLN A 42 -4.07 -3.77 6.85
N ASN A 43 -5.31 -3.99 7.25
CA ASN A 43 -5.80 -5.36 7.42
C ASN A 43 -5.54 -6.14 6.13
N GLN A 44 -5.85 -5.51 5.01
CA GLN A 44 -5.72 -6.16 3.72
C GLN A 44 -4.27 -6.08 3.23
N GLU A 45 -3.68 -4.91 3.40
CA GLU A 45 -2.40 -4.62 2.79
C GLU A 45 -1.30 -5.46 3.45
N PHE A 46 -1.57 -5.87 4.68
CA PHE A 46 -0.57 -6.57 5.48
C PHE A 46 0.72 -5.75 5.57
N GLU A 47 0.63 -4.66 6.31
CA GLU A 47 1.66 -3.64 6.24
C GLU A 47 2.95 -4.11 6.91
N SER A 48 3.86 -4.59 6.08
CA SER A 48 5.06 -5.25 6.59
C SER A 48 4.69 -6.60 7.21
N ALA A 49 3.83 -6.53 8.23
CA ALA A 49 3.11 -7.71 8.67
C ALA A 49 1.86 -7.26 9.45
N ALA A 50 2.09 -6.35 10.38
CA ALA A 50 0.98 -5.61 10.97
C ALA A 50 1.35 -4.12 11.03
N GLY A 51 2.49 -3.85 11.65
CA GLY A 51 3.04 -2.50 11.66
C GLY A 51 4.36 -2.46 12.42
N SER A 52 4.25 -2.61 13.74
CA SER A 52 5.43 -2.64 14.59
C SER A 52 6.29 -3.86 14.25
N THR A 53 5.62 -4.94 13.87
CA THR A 53 6.29 -6.06 13.25
C THR A 53 6.73 -5.69 11.83
N THR A 54 7.79 -4.90 11.76
CA THR A 54 8.22 -4.33 10.50
C THR A 54 9.02 -5.36 9.70
N LEU A 55 8.30 -6.36 9.19
CA LEU A 55 8.91 -7.34 8.32
C LEU A 55 9.05 -6.76 6.91
N GLY A 56 10.29 -6.68 6.47
CA GLY A 56 10.59 -6.04 5.19
C GLY A 56 9.82 -6.73 4.06
N PRO A 57 10.19 -8.01 3.80
CA PRO A 57 9.52 -8.79 2.78
C PRO A 57 8.14 -9.25 3.26
N GLN A 58 7.18 -8.35 3.15
CA GLN A 58 5.82 -8.63 3.60
C GLN A 58 5.22 -9.78 2.79
N ASP A 1 -12.83 -9.85 7.25
CA ASP A 1 -12.30 -8.51 7.09
C ASP A 1 -13.44 -7.54 6.75
N GLN A 2 -13.21 -6.28 7.05
CA GLN A 2 -14.19 -5.25 6.77
C GLN A 2 -13.52 -3.88 6.66
N ASN A 3 -13.00 -3.61 5.47
CA ASN A 3 -12.17 -2.43 5.26
C ASN A 3 -12.26 -2.00 3.80
N CYS A 4 -11.60 -0.89 3.51
CA CYS A 4 -11.45 -0.44 2.13
C CYS A 4 -10.95 -1.62 1.29
N ASP A 5 -11.25 -1.57 0.01
CA ASP A 5 -10.60 -2.46 -0.95
C ASP A 5 -9.19 -1.94 -1.24
N ILE A 6 -8.21 -2.73 -0.81
CA ILE A 6 -6.83 -2.50 -1.21
C ILE A 6 -6.79 -2.18 -2.71
N GLY A 7 -5.86 -1.31 -3.07
CA GLY A 7 -5.65 -0.98 -4.47
C GLY A 7 -6.16 0.43 -4.79
N ASN A 8 -6.58 1.12 -3.74
CA ASN A 8 -7.35 2.34 -3.91
C ASN A 8 -6.42 3.44 -4.43
N ILE A 9 -5.42 3.77 -3.62
CA ILE A 9 -4.54 4.89 -3.92
C ILE A 9 -3.51 4.46 -4.96
N THR A 10 -3.20 3.17 -4.95
CA THR A 10 -2.08 2.66 -5.72
C THR A 10 -2.41 2.69 -7.21
N SER A 11 -3.70 2.76 -7.50
CA SER A 11 -4.16 2.97 -8.87
C SER A 11 -3.40 4.15 -9.49
N GLN A 12 -3.19 5.17 -8.68
CA GLN A 12 -2.43 6.34 -9.12
C GLN A 12 -0.94 6.05 -9.09
N CYS A 13 -0.48 5.61 -7.92
CA CYS A 13 0.94 5.58 -7.64
C CYS A 13 1.62 4.66 -8.66
N GLN A 14 0.92 3.59 -9.00
CA GLN A 14 1.50 2.55 -9.83
C GLN A 14 1.77 3.09 -11.24
N MET A 15 0.96 4.06 -11.64
CA MET A 15 1.09 4.65 -12.96
C MET A 15 2.01 5.88 -12.92
N GLN A 16 2.37 6.27 -11.71
CA GLN A 16 2.97 7.57 -11.50
C GLN A 16 4.49 7.47 -11.60
N HIS A 17 5.04 6.50 -10.89
CA HIS A 17 6.48 6.46 -10.66
C HIS A 17 6.90 5.02 -10.35
N LYS A 18 6.37 4.09 -11.13
CA LYS A 18 6.81 2.71 -11.05
C LYS A 18 7.18 2.22 -12.45
N ASN A 19 7.96 1.15 -12.48
CA ASN A 19 8.19 0.42 -13.71
C ASN A 19 7.77 -1.03 -13.53
N CYS A 20 6.69 -1.22 -12.78
CA CYS A 20 6.36 -2.52 -12.24
C CYS A 20 4.84 -2.62 -12.09
N GLU A 21 4.27 -1.56 -11.54
CA GLU A 21 2.84 -1.35 -11.63
C GLU A 21 2.10 -2.35 -10.74
N ASP A 22 2.72 -2.63 -9.60
CA ASP A 22 2.12 -3.53 -8.62
C ASP A 22 2.55 -3.12 -7.22
N ALA A 23 1.71 -3.46 -6.25
CA ALA A 23 1.92 -3.02 -4.89
C ALA A 23 3.10 -3.79 -4.29
N ASN A 24 3.03 -5.10 -4.41
CA ASN A 24 4.05 -5.96 -3.84
C ASN A 24 5.30 -5.90 -4.72
N GLY A 25 5.06 -5.67 -6.00
CA GLY A 25 6.15 -5.68 -6.98
C GLY A 25 6.90 -4.35 -6.99
N CYS A 26 8.18 -4.43 -6.66
CA CYS A 26 8.99 -3.23 -6.59
C CYS A 26 8.40 -2.30 -5.52
N ASP A 27 8.19 -2.86 -4.34
CA ASP A 27 7.55 -2.13 -3.27
C ASP A 27 8.56 -1.16 -2.64
N THR A 28 8.92 -0.15 -3.42
CA THR A 28 9.95 0.79 -3.01
C THR A 28 9.34 2.18 -2.79
N ILE A 29 8.84 2.75 -3.88
CA ILE A 29 8.26 4.08 -3.82
C ILE A 29 6.86 4.00 -3.21
N ILE A 30 6.21 2.87 -3.44
CA ILE A 30 4.81 2.73 -3.09
C ILE A 30 4.67 2.48 -1.59
N GLU A 31 5.81 2.29 -0.95
CA GLU A 31 5.86 2.17 0.49
C GLU A 31 5.04 3.29 1.14
N GLU A 32 5.39 4.52 0.78
CA GLU A 32 4.75 5.67 1.37
C GLU A 32 3.42 5.98 0.66
N CYS A 33 3.46 5.85 -0.66
CA CYS A 33 2.34 6.27 -1.48
C CYS A 33 1.14 5.39 -1.12
N LYS A 34 1.44 4.17 -0.73
CA LYS A 34 0.40 3.25 -0.26
C LYS A 34 0.03 3.60 1.17
N THR A 35 1.00 3.43 2.06
CA THR A 35 0.72 3.37 3.49
C THR A 35 0.11 4.69 3.95
N SER A 36 0.38 5.74 3.18
CA SER A 36 -0.18 7.05 3.48
C SER A 36 -1.69 6.93 3.74
N MET A 37 -2.40 6.56 2.69
CA MET A 37 -3.86 6.60 2.73
C MET A 37 -4.44 5.20 2.96
N VAL A 38 -3.55 4.22 2.91
CA VAL A 38 -3.95 2.84 3.18
C VAL A 38 -3.66 2.51 4.65
N GLU A 39 -3.15 3.51 5.35
CA GLU A 39 -2.83 3.34 6.77
C GLU A 39 -4.02 2.72 7.50
N ARG A 40 -5.15 3.41 7.42
CA ARG A 40 -6.35 2.96 8.11
C ARG A 40 -6.80 1.61 7.55
N CYS A 41 -6.39 1.34 6.32
CA CYS A 41 -6.90 0.19 5.59
C CYS A 41 -5.84 -0.90 5.62
N GLN A 42 -4.88 -0.74 6.52
CA GLN A 42 -3.70 -1.61 6.52
C GLN A 42 -4.11 -3.05 6.79
N ASN A 43 -5.32 -3.21 7.32
CA ASN A 43 -5.88 -4.53 7.51
C ASN A 43 -5.68 -5.36 6.24
N GLN A 44 -5.87 -4.71 5.11
CA GLN A 44 -5.86 -5.41 3.83
C GLN A 44 -4.44 -5.42 3.25
N GLU A 45 -3.70 -4.37 3.54
CA GLU A 45 -2.36 -4.21 3.00
C GLU A 45 -1.38 -5.07 3.80
N PHE A 46 -1.82 -5.50 4.98
CA PHE A 46 -0.91 -5.98 5.99
C PHE A 46 0.45 -5.29 5.89
N GLU A 47 0.50 -4.07 6.41
CA GLU A 47 1.69 -3.26 6.31
C GLU A 47 2.90 -4.00 6.90
N SER A 48 4.03 -3.85 6.24
CA SER A 48 5.24 -4.53 6.67
C SER A 48 6.46 -3.92 5.96
N ALA A 49 6.56 -2.61 6.06
CA ALA A 49 7.62 -1.89 5.38
C ALA A 49 7.89 -0.57 6.10
N ALA A 50 9.10 -0.05 5.92
CA ALA A 50 9.52 1.15 6.61
C ALA A 50 10.74 1.74 5.92
N GLY A 51 11.77 0.91 5.80
CA GLY A 51 12.99 1.32 5.11
C GLY A 51 13.91 2.09 6.05
N SER A 52 13.37 3.15 6.63
CA SER A 52 14.01 3.80 7.75
C SER A 52 15.13 4.74 7.26
N THR A 53 16.09 4.14 6.57
CA THR A 53 17.13 4.92 5.92
C THR A 53 17.46 4.31 4.55
N THR A 54 16.49 3.60 4.01
CA THR A 54 16.70 2.89 2.76
C THR A 54 16.06 3.66 1.60
N LEU A 55 14.80 4.01 1.79
CA LEU A 55 14.07 4.76 0.78
C LEU A 55 14.55 6.21 0.79
N GLY A 56 14.56 6.80 1.98
CA GLY A 56 15.14 8.12 2.16
C GLY A 56 16.45 8.03 2.94
N PRO A 57 17.03 9.23 3.23
CA PRO A 57 18.25 9.31 4.02
C PRO A 57 17.95 9.05 5.50
N GLN A 58 16.73 9.36 5.89
CA GLN A 58 16.23 8.97 7.20
C GLN A 58 14.71 8.81 7.18
N ASP A 1 -12.61 -10.49 -0.66
CA ASP A 1 -11.42 -10.70 0.15
C ASP A 1 -10.94 -9.35 0.70
N GLN A 2 -11.26 -8.31 -0.05
CA GLN A 2 -10.90 -6.96 0.35
C GLN A 2 -11.61 -6.58 1.66
N ASN A 3 -10.92 -5.78 2.46
CA ASN A 3 -11.49 -5.30 3.71
C ASN A 3 -12.05 -3.89 3.49
N CYS A 4 -11.38 -3.16 2.61
CA CYS A 4 -11.92 -1.90 2.12
C CYS A 4 -11.38 -1.66 0.71
N ASP A 5 -10.17 -1.10 0.67
CA ASP A 5 -9.61 -0.65 -0.59
C ASP A 5 -8.10 -0.41 -0.41
N ILE A 6 -7.34 -1.46 -0.69
CA ILE A 6 -5.90 -1.32 -0.81
C ILE A 6 -5.57 -0.47 -2.04
N GLY A 7 -6.44 -0.59 -3.04
CA GLY A 7 -6.13 -0.05 -4.36
C GLY A 7 -6.86 1.27 -4.59
N ASN A 8 -6.83 2.12 -3.58
CA ASN A 8 -7.44 3.43 -3.68
C ASN A 8 -6.41 4.45 -4.17
N ILE A 9 -5.22 4.36 -3.60
CA ILE A 9 -4.19 5.35 -3.86
C ILE A 9 -3.18 4.77 -4.87
N THR A 10 -2.90 3.49 -4.70
CA THR A 10 -1.84 2.85 -5.46
C THR A 10 -2.24 2.74 -6.94
N SER A 11 -3.55 2.74 -7.16
CA SER A 11 -4.06 2.82 -8.51
C SER A 11 -3.46 4.02 -9.25
N GLN A 12 -3.22 5.08 -8.48
CA GLN A 12 -2.63 6.28 -9.03
C GLN A 12 -1.10 6.17 -9.05
N CYS A 13 -0.55 5.82 -7.90
CA CYS A 13 0.89 5.87 -7.71
C CYS A 13 1.54 4.93 -8.72
N GLN A 14 0.86 3.82 -8.97
CA GLN A 14 1.40 2.77 -9.82
C GLN A 14 1.65 3.31 -11.23
N MET A 15 0.82 4.25 -11.62
CA MET A 15 0.87 4.78 -12.98
C MET A 15 1.99 5.80 -13.13
N GLN A 16 2.36 6.39 -12.01
CA GLN A 16 3.18 7.59 -12.02
C GLN A 16 4.65 7.25 -12.18
N HIS A 17 5.10 6.33 -11.34
CA HIS A 17 6.51 6.19 -11.05
C HIS A 17 6.85 4.74 -10.70
N LYS A 18 6.87 3.91 -11.74
CA LYS A 18 7.02 2.48 -11.54
C LYS A 18 7.81 1.89 -12.71
N ASN A 19 8.38 0.72 -12.46
CA ASN A 19 8.54 -0.27 -13.52
C ASN A 19 7.46 -1.34 -13.39
N CYS A 20 7.18 -1.70 -12.15
CA CYS A 20 6.43 -2.92 -11.87
C CYS A 20 4.95 -2.64 -12.14
N GLU A 21 4.45 -1.59 -11.50
CA GLU A 21 3.03 -1.28 -11.57
C GLU A 21 2.22 -2.27 -10.74
N ASP A 22 2.73 -2.54 -9.54
CA ASP A 22 2.07 -3.49 -8.66
C ASP A 22 2.39 -3.11 -7.20
N ALA A 23 1.52 -3.57 -6.30
CA ALA A 23 1.62 -3.19 -4.90
C ALA A 23 2.87 -3.82 -4.30
N ASN A 24 3.03 -5.11 -4.54
CA ASN A 24 4.02 -5.89 -3.83
C ASN A 24 5.27 -6.03 -4.70
N GLY A 25 5.09 -5.76 -5.99
CA GLY A 25 6.09 -6.10 -6.97
C GLY A 25 7.40 -5.33 -6.74
N CYS A 26 7.34 -4.05 -6.99
CA CYS A 26 8.45 -3.16 -6.68
C CYS A 26 8.33 -2.74 -5.22
N ASP A 27 7.19 -2.18 -4.89
CA ASP A 27 6.95 -1.68 -3.54
C ASP A 27 8.14 -0.81 -3.12
N THR A 28 8.54 0.07 -4.02
CA THR A 28 9.62 1.00 -3.73
C THR A 28 9.05 2.35 -3.27
N ILE A 29 8.32 2.99 -4.18
CA ILE A 29 7.63 4.22 -3.85
C ILE A 29 6.29 3.89 -3.19
N ILE A 30 5.71 2.78 -3.64
CA ILE A 30 4.35 2.44 -3.24
C ILE A 30 4.34 2.06 -1.76
N GLU A 31 5.51 1.74 -1.25
CA GLU A 31 5.66 1.37 0.15
C GLU A 31 5.16 2.50 1.05
N GLU A 32 5.43 3.73 0.61
CA GLU A 32 4.95 4.90 1.32
C GLU A 32 3.61 5.36 0.75
N CYS A 33 3.55 5.39 -0.58
CA CYS A 33 2.39 5.93 -1.26
C CYS A 33 1.15 5.17 -0.80
N LYS A 34 1.37 3.88 -0.52
CA LYS A 34 0.29 3.05 0.00
C LYS A 34 -0.02 3.44 1.44
N THR A 35 0.96 3.21 2.32
CA THR A 35 0.71 3.23 3.74
C THR A 35 0.05 4.55 4.14
N SER A 36 0.46 5.61 3.47
CA SER A 36 -0.06 6.93 3.77
C SER A 36 -1.57 6.88 3.93
N MET A 37 -2.26 6.58 2.84
CA MET A 37 -3.70 6.75 2.77
C MET A 37 -4.42 5.41 2.86
N VAL A 38 -3.62 4.35 2.96
CA VAL A 38 -4.17 3.01 3.16
C VAL A 38 -4.09 2.66 4.64
N GLU A 39 -3.62 3.61 5.43
CA GLU A 39 -3.56 3.43 6.87
C GLU A 39 -4.91 2.94 7.39
N ARG A 40 -5.97 3.48 6.81
CA ARG A 40 -7.31 3.17 7.28
C ARG A 40 -7.69 1.75 6.90
N CYS A 41 -6.97 1.22 5.91
CA CYS A 41 -7.16 -0.18 5.53
C CYS A 41 -5.83 -0.91 5.75
N GLN A 42 -5.12 -0.50 6.78
CA GLN A 42 -3.83 -1.08 7.09
C GLN A 42 -3.98 -2.58 7.33
N ASN A 43 -5.18 -2.97 7.70
CA ASN A 43 -5.51 -4.39 7.82
C ASN A 43 -5.15 -5.10 6.53
N GLN A 44 -5.58 -4.50 5.42
CA GLN A 44 -5.60 -5.20 4.15
C GLN A 44 -4.19 -5.25 3.54
N GLU A 45 -3.41 -4.22 3.85
CA GLU A 45 -2.06 -4.13 3.34
C GLU A 45 -1.10 -4.94 4.23
N PHE A 46 -1.63 -5.35 5.37
CA PHE A 46 -0.77 -5.87 6.44
C PHE A 46 0.62 -5.23 6.39
N GLU A 47 0.67 -3.98 6.86
CA GLU A 47 1.90 -3.21 6.78
C GLU A 47 3.03 -3.94 7.52
N SER A 48 2.62 -4.75 8.49
CA SER A 48 3.56 -5.67 9.12
C SER A 48 2.80 -6.85 9.73
N ALA A 49 3.31 -8.05 9.47
CA ALA A 49 2.92 -9.22 10.24
C ALA A 49 3.99 -9.51 11.29
N ALA A 50 5.05 -8.74 11.24
CA ALA A 50 6.18 -8.96 12.12
C ALA A 50 5.96 -8.21 13.44
N GLY A 51 5.29 -7.08 13.32
CA GLY A 51 4.94 -6.29 14.50
C GLY A 51 3.65 -5.51 14.27
N SER A 52 3.30 -4.72 15.27
CA SER A 52 2.06 -3.95 15.21
C SER A 52 2.26 -2.73 14.31
N THR A 53 2.35 -3.00 13.01
CA THR A 53 2.58 -1.95 12.04
C THR A 53 3.79 -1.11 12.45
N THR A 54 4.04 -0.07 11.65
CA THR A 54 5.20 0.76 11.86
C THR A 54 6.38 -0.09 12.35
N LEU A 55 6.59 -1.21 11.68
CA LEU A 55 7.68 -2.10 12.02
C LEU A 55 8.00 -2.99 10.82
N GLY A 56 8.98 -2.54 10.04
CA GLY A 56 9.51 -3.36 8.96
C GLY A 56 9.88 -2.49 7.75
N PRO A 57 8.82 -1.97 7.08
CA PRO A 57 9.02 -1.09 5.95
C PRO A 57 9.46 0.31 6.41
N GLN A 58 9.97 1.07 5.46
CA GLN A 58 10.38 2.44 5.75
C GLN A 58 11.34 2.47 6.93
N ASP A 1 -14.84 -4.67 -4.41
CA ASP A 1 -13.96 -5.79 -4.08
C ASP A 1 -13.07 -5.39 -2.91
N GLN A 2 -12.91 -4.09 -2.73
CA GLN A 2 -12.09 -3.57 -1.66
C GLN A 2 -12.77 -3.80 -0.31
N ASN A 3 -11.95 -3.79 0.74
CA ASN A 3 -12.46 -4.02 2.08
C ASN A 3 -12.26 -2.74 2.92
N CYS A 4 -11.71 -1.73 2.27
CA CYS A 4 -11.26 -0.54 2.97
C CYS A 4 -10.77 0.47 1.94
N ASP A 5 -9.96 -0.02 1.01
CA ASP A 5 -9.45 0.82 -0.06
C ASP A 5 -9.04 -0.06 -1.24
N ILE A 6 -8.31 -1.12 -0.93
CA ILE A 6 -6.86 -1.09 -1.06
C ILE A 6 -6.48 -0.15 -2.22
N GLY A 7 -7.10 -0.39 -3.36
CA GLY A 7 -6.64 0.22 -4.60
C GLY A 7 -7.24 1.61 -4.79
N ASN A 8 -7.12 2.42 -3.75
CA ASN A 8 -7.66 3.78 -3.79
C ASN A 8 -6.52 4.75 -4.11
N ILE A 9 -5.50 4.71 -3.27
CA ILE A 9 -4.42 5.67 -3.36
C ILE A 9 -3.36 5.14 -4.33
N THR A 10 -3.18 3.83 -4.31
CA THR A 10 -2.06 3.21 -5.00
C THR A 10 -2.30 3.23 -6.51
N SER A 11 -3.55 3.07 -6.89
CA SER A 11 -3.89 2.78 -8.28
C SER A 11 -3.23 3.81 -9.20
N GLN A 12 -3.26 5.06 -8.76
CA GLN A 12 -2.72 6.15 -9.55
C GLN A 12 -1.19 6.08 -9.57
N CYS A 13 -0.63 5.85 -8.38
CA CYS A 13 0.82 5.93 -8.22
C CYS A 13 1.45 4.77 -8.98
N GLN A 14 0.73 3.66 -9.02
CA GLN A 14 1.23 2.46 -9.66
C GLN A 14 1.50 2.72 -11.14
N MET A 15 0.63 3.51 -11.74
CA MET A 15 0.80 3.91 -13.13
C MET A 15 1.80 5.06 -13.25
N GLN A 16 1.76 5.95 -12.27
CA GLN A 16 2.48 7.20 -12.36
C GLN A 16 3.99 6.93 -12.42
N HIS A 17 4.45 6.15 -11.45
CA HIS A 17 5.88 6.00 -11.22
C HIS A 17 6.17 4.62 -10.62
N LYS A 18 5.87 3.60 -11.41
CA LYS A 18 5.83 2.24 -10.88
C LYS A 18 5.65 1.26 -12.04
N ASN A 19 6.64 1.22 -12.92
CA ASN A 19 6.57 0.40 -14.10
C ASN A 19 6.42 -1.07 -13.70
N CYS A 20 6.87 -1.36 -12.48
CA CYS A 20 6.72 -2.69 -11.93
C CYS A 20 5.23 -2.98 -11.77
N GLU A 21 4.51 -1.95 -11.36
CA GLU A 21 3.06 -2.04 -11.26
C GLU A 21 2.66 -3.20 -10.33
N ASP A 22 3.13 -3.11 -9.09
CA ASP A 22 2.87 -4.16 -8.12
C ASP A 22 2.90 -3.55 -6.72
N ALA A 23 2.26 -4.25 -5.79
CA ALA A 23 2.12 -3.75 -4.43
C ALA A 23 2.55 -4.84 -3.45
N ASN A 24 3.50 -5.65 -3.89
CA ASN A 24 3.92 -6.81 -3.11
C ASN A 24 5.28 -7.29 -3.62
N GLY A 25 6.12 -6.33 -3.94
CA GLY A 25 7.43 -6.63 -4.50
C GLY A 25 8.30 -5.38 -4.59
N CYS A 26 7.93 -4.51 -5.52
CA CYS A 26 8.80 -3.42 -5.92
C CYS A 26 8.50 -2.21 -5.04
N ASP A 27 8.38 -2.48 -3.75
CA ASP A 27 7.65 -1.57 -2.87
C ASP A 27 8.60 -0.46 -2.40
N THR A 28 9.03 0.34 -3.36
CA THR A 28 9.95 1.43 -3.07
C THR A 28 9.23 2.78 -3.15
N ILE A 29 8.72 3.07 -4.33
CA ILE A 29 8.16 4.39 -4.61
C ILE A 29 6.75 4.46 -4.02
N ILE A 30 6.06 3.33 -4.09
CA ILE A 30 4.68 3.27 -3.62
C ILE A 30 4.65 3.48 -2.11
N GLU A 31 5.79 3.24 -1.48
CA GLU A 31 5.86 3.23 -0.03
C GLU A 31 5.15 4.46 0.54
N GLU A 32 5.51 5.61 0.02
CA GLU A 32 5.02 6.86 0.55
C GLU A 32 3.58 7.10 0.11
N CYS A 33 3.26 6.57 -1.06
CA CYS A 33 1.91 6.69 -1.60
C CYS A 33 1.01 5.74 -0.82
N LYS A 34 1.61 4.70 -0.29
CA LYS A 34 0.86 3.56 0.20
C LYS A 34 0.55 3.75 1.68
N THR A 35 1.59 3.66 2.50
CA THR A 35 1.40 3.52 3.93
C THR A 35 0.55 4.66 4.48
N SER A 36 0.64 5.80 3.81
CA SER A 36 -0.12 6.97 4.22
C SER A 36 -1.59 6.60 4.45
N MET A 37 -2.24 6.19 3.37
CA MET A 37 -3.67 6.00 3.39
C MET A 37 -4.04 4.54 3.65
N VAL A 38 -3.08 3.67 3.38
CA VAL A 38 -3.32 2.24 3.48
C VAL A 38 -3.08 1.80 4.93
N GLU A 39 -2.64 2.74 5.74
CA GLU A 39 -2.59 2.52 7.18
C GLU A 39 -3.90 1.91 7.68
N ARG A 40 -4.99 2.53 7.26
CA ARG A 40 -6.31 2.12 7.73
C ARG A 40 -6.74 0.84 7.02
N CYS A 41 -6.12 0.58 5.89
CA CYS A 41 -6.49 -0.56 5.06
C CYS A 41 -5.41 -1.63 5.22
N GLN A 42 -4.69 -1.55 6.33
CA GLN A 42 -3.72 -2.59 6.68
C GLN A 42 -4.38 -3.97 6.59
N ASN A 43 -5.68 -3.98 6.80
CA ASN A 43 -6.45 -5.22 6.70
C ASN A 43 -6.00 -5.98 5.45
N GLN A 44 -5.99 -5.27 4.33
CA GLN A 44 -5.79 -5.90 3.04
C GLN A 44 -4.29 -6.07 2.76
N GLU A 45 -3.57 -4.97 2.93
CA GLU A 45 -2.19 -4.92 2.49
C GLU A 45 -1.31 -5.77 3.41
N PHE A 46 -1.71 -5.83 4.68
CA PHE A 46 -0.77 -6.15 5.74
C PHE A 46 0.47 -5.26 5.68
N GLU A 47 0.23 -3.98 5.54
CA GLU A 47 1.31 -3.00 5.58
C GLU A 47 2.15 -3.21 6.84
N SER A 48 3.45 -3.03 6.67
CA SER A 48 4.39 -3.22 7.77
C SER A 48 4.18 -2.12 8.83
N ALA A 49 3.24 -2.38 9.73
CA ALA A 49 3.08 -1.55 10.90
C ALA A 49 2.58 -2.41 12.07
N ALA A 50 3.14 -2.14 13.24
CA ALA A 50 2.78 -2.89 14.43
C ALA A 50 3.08 -2.04 15.67
N GLY A 51 2.68 -0.79 15.60
CA GLY A 51 2.73 0.09 16.77
C GLY A 51 1.63 -0.27 17.76
N SER A 52 0.42 -0.40 17.23
CA SER A 52 -0.69 -0.91 18.02
C SER A 52 -1.77 -1.47 17.09
N THR A 53 -1.34 -2.31 16.17
CA THR A 53 -2.23 -2.82 15.13
C THR A 53 -1.76 -4.19 14.65
N THR A 54 -2.73 -5.01 14.26
CA THR A 54 -2.43 -6.26 13.57
C THR A 54 -1.78 -7.24 14.54
N LEU A 55 -2.09 -8.52 14.33
CA LEU A 55 -1.45 -9.58 15.07
C LEU A 55 -0.22 -10.07 14.29
N GLY A 56 0.85 -9.32 14.39
CA GLY A 56 2.00 -9.50 13.51
C GLY A 56 3.02 -8.39 13.70
N PRO A 57 4.09 -8.71 14.49
CA PRO A 57 5.15 -7.75 14.74
C PRO A 57 6.05 -7.61 13.52
N GLN A 58 5.52 -6.93 12.50
CA GLN A 58 6.24 -6.78 11.25
C GLN A 58 7.46 -5.88 11.43
N ASP A 1 -9.21 -8.25 6.22
CA ASP A 1 -9.60 -8.97 5.02
C ASP A 1 -10.65 -8.17 4.26
N GLN A 2 -11.34 -7.30 4.99
CA GLN A 2 -12.35 -6.45 4.39
C GLN A 2 -12.29 -5.05 4.99
N ASN A 3 -12.19 -4.06 4.12
CA ASN A 3 -12.22 -2.67 4.55
C ASN A 3 -12.39 -1.77 3.32
N CYS A 4 -11.49 -1.97 2.36
CA CYS A 4 -11.47 -1.12 1.18
C CYS A 4 -10.78 -1.88 0.05
N ASP A 5 -11.20 -1.58 -1.16
CA ASP A 5 -10.51 -2.06 -2.34
C ASP A 5 -9.12 -1.41 -2.42
N ILE A 6 -8.14 -2.12 -1.87
CA ILE A 6 -6.77 -1.63 -1.89
C ILE A 6 -6.40 -1.19 -3.31
N GLY A 7 -5.64 -0.11 -3.38
CA GLY A 7 -5.51 0.64 -4.62
C GLY A 7 -6.34 1.92 -4.57
N ASN A 8 -6.57 2.40 -3.36
CA ASN A 8 -7.45 3.55 -3.16
C ASN A 8 -6.62 4.82 -3.33
N ILE A 9 -5.41 4.78 -2.79
CA ILE A 9 -4.45 5.84 -3.04
C ILE A 9 -3.35 5.34 -3.97
N THR A 10 -2.99 4.08 -3.77
CA THR A 10 -1.76 3.56 -4.35
C THR A 10 -1.88 3.48 -5.87
N SER A 11 -3.08 3.19 -6.32
CA SER A 11 -3.32 2.99 -7.75
C SER A 11 -2.78 4.18 -8.54
N GLN A 12 -2.93 5.36 -7.97
CA GLN A 12 -2.54 6.58 -8.65
C GLN A 12 -1.02 6.62 -8.86
N CYS A 13 -0.31 6.10 -7.88
CA CYS A 13 1.14 6.12 -7.90
C CYS A 13 1.62 4.94 -8.74
N GLN A 14 0.89 3.83 -8.62
CA GLN A 14 1.32 2.59 -9.25
C GLN A 14 1.31 2.73 -10.77
N MET A 15 0.20 3.26 -11.28
CA MET A 15 0.02 3.37 -12.72
C MET A 15 0.96 4.42 -13.30
N GLN A 16 1.41 5.32 -12.44
CA GLN A 16 2.22 6.44 -12.88
C GLN A 16 3.69 6.01 -13.05
N HIS A 17 4.29 5.66 -11.93
CA HIS A 17 5.74 5.64 -11.84
C HIS A 17 6.20 4.37 -11.11
N LYS A 18 5.87 3.24 -11.70
CA LYS A 18 6.38 1.97 -11.22
C LYS A 18 6.91 1.16 -12.41
N ASN A 19 7.99 0.43 -12.16
CA ASN A 19 8.50 -0.52 -13.13
C ASN A 19 7.55 -1.72 -13.20
N CYS A 20 6.94 -2.02 -12.07
CA CYS A 20 5.88 -3.02 -12.03
C CYS A 20 4.84 -2.56 -11.00
N GLU A 21 3.60 -2.54 -11.43
CA GLU A 21 2.54 -1.94 -10.64
C GLU A 21 2.41 -2.69 -9.31
N ASP A 22 2.74 -3.96 -9.34
CA ASP A 22 2.49 -4.84 -8.20
C ASP A 22 3.03 -4.19 -6.94
N ALA A 23 2.20 -4.17 -5.90
CA ALA A 23 2.52 -3.44 -4.69
C ALA A 23 3.74 -4.09 -4.03
N ASN A 24 3.75 -5.41 -4.03
CA ASN A 24 4.76 -6.16 -3.31
C ASN A 24 6.04 -6.22 -4.15
N GLY A 25 5.87 -6.05 -5.45
CA GLY A 25 6.92 -6.40 -6.40
C GLY A 25 8.03 -5.35 -6.38
N CYS A 26 7.71 -4.18 -6.89
CA CYS A 26 8.71 -3.16 -7.14
C CYS A 26 8.59 -2.08 -6.07
N ASP A 27 8.50 -2.52 -4.83
CA ASP A 27 8.10 -1.64 -3.75
C ASP A 27 9.24 -0.66 -3.44
N THR A 28 9.10 0.55 -3.96
CA THR A 28 9.99 1.63 -3.60
C THR A 28 9.22 2.94 -3.45
N ILE A 29 8.61 3.35 -4.55
CA ILE A 29 7.90 4.62 -4.58
C ILE A 29 6.62 4.50 -3.77
N ILE A 30 6.04 3.29 -3.79
CA ILE A 30 4.71 3.10 -3.27
C ILE A 30 4.71 3.34 -1.76
N GLU A 31 5.90 3.23 -1.18
CA GLU A 31 6.03 3.28 0.27
C GLU A 31 5.38 4.55 0.81
N GLU A 32 5.64 5.65 0.11
CA GLU A 32 5.19 6.96 0.57
C GLU A 32 3.70 7.15 0.27
N CYS A 33 3.24 6.44 -0.76
CA CYS A 33 1.87 6.57 -1.20
C CYS A 33 0.99 5.68 -0.33
N LYS A 34 1.59 4.60 0.16
CA LYS A 34 0.83 3.51 0.75
C LYS A 34 0.47 3.88 2.19
N THR A 35 1.45 3.73 3.07
CA THR A 35 1.17 3.64 4.49
C THR A 35 0.54 4.93 5.00
N SER A 36 0.70 5.99 4.21
CA SER A 36 0.00 7.24 4.47
C SER A 36 -1.48 6.97 4.68
N MET A 37 -2.14 6.54 3.61
CA MET A 37 -3.59 6.53 3.57
C MET A 37 -4.14 5.13 3.73
N VAL A 38 -3.23 4.15 3.62
CA VAL A 38 -3.64 2.76 3.57
C VAL A 38 -3.62 2.19 5.00
N GLU A 39 -3.13 3.00 5.93
CA GLU A 39 -3.06 2.59 7.31
C GLU A 39 -4.44 2.16 7.81
N ARG A 40 -5.45 2.90 7.38
CA ARG A 40 -6.83 2.57 7.74
C ARG A 40 -7.24 1.24 7.11
N CYS A 41 -6.70 0.99 5.92
CA CYS A 41 -7.15 -0.13 5.11
C CYS A 41 -6.15 -1.27 5.29
N GLN A 42 -5.36 -1.17 6.34
CA GLN A 42 -4.30 -2.13 6.58
C GLN A 42 -4.88 -3.51 6.87
N ASN A 43 -6.19 -3.53 7.13
CA ASN A 43 -6.89 -4.78 7.34
C ASN A 43 -6.69 -5.69 6.13
N GLN A 44 -6.54 -5.06 4.97
CA GLN A 44 -6.37 -5.80 3.74
C GLN A 44 -4.90 -5.75 3.29
N GLU A 45 -4.41 -4.53 3.12
CA GLU A 45 -3.01 -4.33 2.77
C GLU A 45 -2.10 -5.07 3.75
N PHE A 46 -0.98 -5.54 3.23
CA PHE A 46 -0.03 -6.28 4.05
C PHE A 46 1.17 -5.41 4.42
N GLU A 47 0.89 -4.36 5.17
CA GLU A 47 1.92 -3.42 5.58
C GLU A 47 3.05 -4.16 6.31
N SER A 48 2.65 -5.04 7.20
CA SER A 48 3.59 -5.63 8.15
C SER A 48 4.25 -4.53 8.98
N ALA A 49 5.24 -3.89 8.37
CA ALA A 49 6.11 -2.98 9.10
C ALA A 49 5.42 -1.62 9.23
N ALA A 50 4.39 -1.58 10.06
CA ALA A 50 3.71 -0.33 10.36
C ALA A 50 4.45 0.39 11.49
N GLY A 51 4.17 1.68 11.62
CA GLY A 51 4.71 2.45 12.72
C GLY A 51 6.07 3.07 12.35
N SER A 52 6.98 2.20 11.93
CA SER A 52 8.31 2.64 11.53
C SER A 52 8.23 3.46 10.25
N THR A 53 7.48 2.94 9.29
CA THR A 53 7.41 3.55 7.98
C THR A 53 6.17 4.44 7.86
N THR A 54 5.36 4.42 8.92
CA THR A 54 4.16 5.23 8.96
C THR A 54 4.51 6.70 8.75
N LEU A 55 3.85 7.31 7.77
CA LEU A 55 4.19 8.65 7.34
C LEU A 55 3.37 9.66 8.15
N GLY A 56 3.91 10.01 9.31
CA GLY A 56 3.34 11.10 10.09
C GLY A 56 3.30 10.75 11.58
N PRO A 57 2.31 9.88 11.94
CA PRO A 57 2.33 9.22 13.23
C PRO A 57 3.37 8.09 13.26
N GLN A 58 4.63 8.48 13.16
CA GLN A 58 5.70 7.53 12.94
C GLN A 58 6.17 6.95 14.27
N ASP A 1 -12.85 -6.20 -2.13
CA ASP A 1 -12.18 -5.89 -0.88
C ASP A 1 -13.13 -6.18 0.29
N GLN A 2 -12.52 -6.43 1.44
CA GLN A 2 -13.30 -6.59 2.66
C GLN A 2 -13.22 -5.31 3.51
N ASN A 3 -12.70 -4.26 2.90
CA ASN A 3 -12.31 -3.08 3.64
C ASN A 3 -12.04 -1.93 2.66
N CYS A 4 -11.48 -0.86 3.19
CA CYS A 4 -10.93 0.19 2.36
C CYS A 4 -10.20 -0.47 1.17
N ASP A 5 -10.40 0.13 0.00
CA ASP A 5 -9.87 -0.46 -1.22
C ASP A 5 -8.35 -0.40 -1.20
N ILE A 6 -7.74 -1.57 -1.33
CA ILE A 6 -6.30 -1.65 -1.47
C ILE A 6 -5.85 -0.73 -2.61
N GLY A 7 -6.71 -0.63 -3.62
CA GLY A 7 -6.37 0.13 -4.81
C GLY A 7 -6.95 1.55 -4.73
N ASN A 8 -7.01 2.07 -3.52
CA ASN A 8 -7.43 3.44 -3.32
C ASN A 8 -6.28 4.38 -3.68
N ILE A 9 -5.20 4.25 -2.92
CA ILE A 9 -4.10 5.20 -3.02
C ILE A 9 -3.05 4.66 -4.00
N THR A 10 -2.91 3.35 -4.00
CA THR A 10 -1.84 2.70 -4.75
C THR A 10 -2.10 2.83 -6.25
N SER A 11 -3.35 2.63 -6.62
CA SER A 11 -3.70 2.40 -8.02
C SER A 11 -3.11 3.52 -8.88
N GLN A 12 -3.21 4.74 -8.38
CA GLN A 12 -2.75 5.90 -9.11
C GLN A 12 -1.22 5.85 -9.28
N CYS A 13 -0.54 5.58 -8.18
CA CYS A 13 0.91 5.62 -8.16
C CYS A 13 1.44 4.46 -9.00
N GLN A 14 0.68 3.36 -8.99
CA GLN A 14 1.11 2.15 -9.66
C GLN A 14 1.33 2.42 -11.15
N MET A 15 0.48 3.29 -11.69
CA MET A 15 0.59 3.66 -13.10
C MET A 15 1.49 4.88 -13.27
N GLN A 16 1.33 5.83 -12.36
CA GLN A 16 1.94 7.14 -12.53
C GLN A 16 3.46 7.02 -12.55
N HIS A 17 3.97 6.29 -11.58
CA HIS A 17 5.41 6.24 -11.36
C HIS A 17 5.78 4.93 -10.67
N LYS A 18 5.45 3.83 -11.33
CA LYS A 18 5.83 2.52 -10.86
C LYS A 18 5.84 1.53 -12.03
N ASN A 19 6.96 1.54 -12.75
CA ASN A 19 7.07 0.73 -13.95
C ASN A 19 7.29 -0.73 -13.55
N CYS A 20 6.28 -1.30 -12.91
CA CYS A 20 6.44 -2.57 -12.23
C CYS A 20 5.08 -3.01 -11.71
N GLU A 21 4.36 -2.07 -11.11
CA GLU A 21 2.91 -2.15 -11.05
C GLU A 21 2.49 -3.29 -10.11
N ASP A 22 3.10 -3.30 -8.94
CA ASP A 22 2.77 -4.30 -7.93
C ASP A 22 2.90 -3.68 -6.54
N ALA A 23 1.92 -3.97 -5.70
CA ALA A 23 1.88 -3.41 -4.37
C ALA A 23 2.59 -4.34 -3.40
N ASN A 24 3.84 -4.65 -3.72
CA ASN A 24 4.65 -5.51 -2.87
C ASN A 24 6.07 -5.57 -3.43
N GLY A 25 6.15 -5.87 -4.73
CA GLY A 25 7.43 -5.83 -5.42
C GLY A 25 7.76 -4.39 -5.86
N CYS A 26 9.04 -4.15 -6.02
CA CYS A 26 9.51 -2.82 -6.39
C CYS A 26 8.99 -1.83 -5.35
N ASP A 27 9.22 -2.17 -4.09
CA ASP A 27 8.64 -1.41 -2.99
C ASP A 27 9.49 -0.17 -2.73
N THR A 28 9.51 0.72 -3.72
CA THR A 28 10.38 1.89 -3.66
C THR A 28 9.55 3.17 -3.59
N ILE A 29 8.72 3.36 -4.61
CA ILE A 29 7.90 4.55 -4.68
C ILE A 29 6.57 4.29 -3.97
N ILE A 30 6.03 3.10 -4.20
CA ILE A 30 4.78 2.71 -3.56
C ILE A 30 4.96 2.72 -2.05
N GLU A 31 6.22 2.65 -1.62
CA GLU A 31 6.53 2.69 -0.21
C GLU A 31 5.84 3.88 0.45
N GLU A 32 5.84 5.00 -0.26
CA GLU A 32 5.28 6.23 0.28
C GLU A 32 3.76 6.25 0.08
N CYS A 33 3.35 5.95 -1.15
CA CYS A 33 1.95 6.06 -1.51
C CYS A 33 1.15 5.12 -0.61
N LYS A 34 1.75 3.98 -0.30
CA LYS A 34 1.04 2.92 0.39
C LYS A 34 0.73 3.37 1.83
N THR A 35 1.76 3.32 2.67
CA THR A 35 1.56 3.30 4.10
C THR A 35 0.85 4.58 4.55
N SER A 36 0.97 5.61 3.73
CA SER A 36 0.31 6.87 4.00
C SER A 36 -1.15 6.63 4.35
N MET A 37 -1.89 6.14 3.37
CA MET A 37 -3.34 6.09 3.47
C MET A 37 -3.81 4.67 3.77
N VAL A 38 -2.87 3.73 3.67
CA VAL A 38 -3.20 2.32 3.87
C VAL A 38 -3.25 2.03 5.37
N GLU A 39 -2.94 3.05 6.15
CA GLU A 39 -3.13 2.98 7.60
C GLU A 39 -4.43 2.22 7.91
N ARG A 40 -5.51 2.71 7.35
CA ARG A 40 -6.83 2.18 7.67
C ARG A 40 -7.15 0.98 6.78
N CYS A 41 -6.39 0.87 5.71
CA CYS A 41 -6.63 -0.20 4.74
C CYS A 41 -5.68 -1.36 5.07
N GLN A 42 -5.00 -1.22 6.20
CA GLN A 42 -4.05 -2.24 6.64
C GLN A 42 -4.71 -3.61 6.63
N ASN A 43 -6.00 -3.62 6.95
CA ASN A 43 -6.76 -4.85 6.99
C ASN A 43 -6.56 -5.61 5.68
N GLN A 44 -6.67 -4.87 4.58
CA GLN A 44 -6.71 -5.48 3.27
C GLN A 44 -5.31 -5.60 2.68
N GLU A 45 -4.51 -4.57 2.92
CA GLU A 45 -3.19 -4.49 2.34
C GLU A 45 -2.21 -5.40 3.09
N PHE A 46 -2.51 -5.61 4.36
CA PHE A 46 -1.52 -6.14 5.29
C PHE A 46 -0.24 -5.30 5.25
N GLU A 47 -0.41 -4.02 5.55
CA GLU A 47 0.71 -3.22 6.03
C GLU A 47 1.43 -3.93 7.17
N SER A 48 2.75 -3.84 7.14
CA SER A 48 3.57 -4.45 8.18
C SER A 48 4.88 -3.68 8.34
N ALA A 49 5.63 -3.62 7.24
CA ALA A 49 6.90 -2.91 7.24
C ALA A 49 7.20 -2.40 5.83
N ALA A 50 7.07 -1.09 5.68
CA ALA A 50 7.34 -0.46 4.40
C ALA A 50 7.71 1.00 4.62
N GLY A 51 6.72 1.77 5.05
CA GLY A 51 6.86 3.22 5.07
C GLY A 51 7.14 3.72 6.49
N SER A 52 6.97 5.02 6.66
CA SER A 52 7.22 5.65 7.95
C SER A 52 6.24 5.10 9.00
N THR A 53 4.96 5.22 8.68
CA THR A 53 3.92 5.05 9.69
C THR A 53 3.48 3.59 9.76
N THR A 54 4.46 2.71 9.95
CA THR A 54 4.21 1.28 9.85
C THR A 54 3.75 0.71 11.19
N LEU A 55 2.90 -0.28 11.11
CA LEU A 55 2.26 -0.83 12.30
C LEU A 55 2.30 -2.35 12.25
N GLY A 56 2.94 -2.93 13.25
CA GLY A 56 3.01 -4.38 13.35
C GLY A 56 3.96 -4.97 12.30
N PRO A 57 5.29 -4.89 12.62
CA PRO A 57 6.29 -5.47 11.75
C PRO A 57 6.32 -6.99 11.87
N GLN A 58 5.61 -7.64 10.94
CA GLN A 58 5.55 -9.09 10.95
C GLN A 58 5.10 -9.61 12.31
N ASP A 1 -10.14 -4.05 -1.62
CA ASP A 1 -11.06 -4.03 -2.75
C ASP A 1 -12.27 -4.90 -2.42
N GLN A 2 -12.13 -5.68 -1.36
CA GLN A 2 -13.22 -6.51 -0.88
C GLN A 2 -13.28 -6.48 0.65
N ASN A 3 -12.90 -5.35 1.20
CA ASN A 3 -12.79 -5.22 2.65
C ASN A 3 -12.56 -3.75 3.01
N CYS A 4 -11.62 -3.14 2.30
CA CYS A 4 -11.32 -1.74 2.52
C CYS A 4 -10.70 -1.17 1.23
N ASP A 5 -10.59 0.14 1.20
CA ASP A 5 -10.25 0.83 -0.04
C ASP A 5 -8.75 0.70 -0.29
N ILE A 6 -8.35 -0.48 -0.73
CA ILE A 6 -6.95 -0.76 -0.98
C ILE A 6 -6.47 0.06 -2.18
N GLY A 7 -7.38 0.21 -3.14
CA GLY A 7 -7.00 0.76 -4.43
C GLY A 7 -7.42 2.23 -4.55
N ASN A 8 -7.29 2.93 -3.44
CA ASN A 8 -7.63 4.35 -3.40
C ASN A 8 -6.51 5.15 -4.06
N ILE A 9 -5.33 5.03 -3.46
CA ILE A 9 -4.24 5.93 -3.81
C ILE A 9 -3.32 5.23 -4.84
N THR A 10 -3.15 3.92 -4.63
CA THR A 10 -2.14 3.18 -5.37
C THR A 10 -2.55 3.03 -6.84
N SER A 11 -3.86 3.05 -7.06
CA SER A 11 -4.38 2.90 -8.40
C SER A 11 -3.67 3.86 -9.36
N GLN A 12 -3.52 5.09 -8.90
CA GLN A 12 -2.89 6.12 -9.71
C GLN A 12 -1.37 6.05 -9.56
N CYS A 13 -0.93 5.93 -8.32
CA CYS A 13 0.46 6.16 -7.98
C CYS A 13 1.30 5.04 -8.63
N GLN A 14 0.65 3.90 -8.81
CA GLN A 14 1.30 2.77 -9.46
C GLN A 14 1.62 3.12 -10.92
N MET A 15 0.69 3.81 -11.55
CA MET A 15 0.83 4.15 -12.96
C MET A 15 1.84 5.28 -13.15
N GLN A 16 1.97 6.11 -12.13
CA GLN A 16 2.78 7.30 -12.22
C GLN A 16 4.27 6.93 -12.29
N HIS A 17 4.69 6.13 -11.33
CA HIS A 17 6.11 5.91 -11.10
C HIS A 17 6.30 4.66 -10.24
N LYS A 18 6.24 3.52 -10.91
CA LYS A 18 6.17 2.25 -10.20
C LYS A 18 6.50 1.10 -11.17
N ASN A 19 5.74 1.06 -12.25
CA ASN A 19 6.10 0.24 -13.39
C ASN A 19 5.66 -1.21 -13.13
N CYS A 20 6.17 -1.76 -12.03
CA CYS A 20 5.89 -3.14 -11.70
C CYS A 20 4.44 -3.24 -11.23
N GLU A 21 3.90 -2.09 -10.85
CA GLU A 21 2.47 -1.97 -10.64
C GLU A 21 2.03 -2.80 -9.43
N ASP A 22 3.00 -3.07 -8.56
CA ASP A 22 2.76 -3.94 -7.43
C ASP A 22 2.52 -3.10 -6.18
N ALA A 23 2.08 -3.78 -5.12
CA ALA A 23 2.07 -3.18 -3.80
C ALA A 23 2.53 -4.20 -2.77
N ASN A 24 3.45 -5.05 -3.20
CA ASN A 24 3.71 -6.30 -2.50
C ASN A 24 4.93 -6.98 -3.12
N GLY A 25 5.94 -6.17 -3.40
CA GLY A 25 7.12 -6.66 -4.09
C GLY A 25 8.20 -5.58 -4.17
N CYS A 26 7.92 -4.58 -5.01
CA CYS A 26 8.88 -3.53 -5.27
C CYS A 26 8.96 -2.64 -4.02
N ASP A 27 7.80 -2.15 -3.61
CA ASP A 27 7.71 -1.35 -2.39
C ASP A 27 8.88 -0.36 -2.35
N THR A 28 9.13 0.25 -3.49
CA THR A 28 10.22 1.21 -3.60
C THR A 28 9.67 2.64 -3.53
N ILE A 29 8.79 2.96 -4.46
CA ILE A 29 8.20 4.29 -4.52
C ILE A 29 6.89 4.29 -3.73
N ILE A 30 6.15 3.20 -3.86
CA ILE A 30 4.83 3.11 -3.25
C ILE A 30 5.00 2.94 -1.74
N GLU A 31 6.24 2.73 -1.32
CA GLU A 31 6.55 2.62 0.08
C GLU A 31 5.82 3.71 0.88
N GLU A 32 5.92 4.93 0.36
CA GLU A 32 5.26 6.06 1.00
C GLU A 32 3.85 6.24 0.45
N CYS A 33 3.74 6.12 -0.86
CA CYS A 33 2.53 6.55 -1.56
C CYS A 33 1.40 5.60 -1.18
N LYS A 34 1.79 4.42 -0.72
CA LYS A 34 0.82 3.43 -0.30
C LYS A 34 0.30 3.77 1.09
N THR A 35 1.19 3.64 2.08
CA THR A 35 0.77 3.68 3.47
C THR A 35 0.18 5.06 3.80
N SER A 36 0.46 6.01 2.93
CA SER A 36 -0.24 7.29 2.96
C SER A 36 -1.69 7.07 3.41
N MET A 37 -2.46 6.47 2.53
CA MET A 37 -3.88 6.23 2.81
C MET A 37 -4.11 4.81 3.34
N VAL A 38 -3.24 3.90 2.89
CA VAL A 38 -3.55 2.49 2.96
C VAL A 38 -3.25 1.96 4.35
N GLU A 39 -2.69 2.84 5.17
CA GLU A 39 -2.55 2.56 6.59
C GLU A 39 -3.87 2.04 7.16
N ARG A 40 -4.95 2.67 6.72
CA ARG A 40 -6.28 2.24 7.13
C ARG A 40 -6.54 0.80 6.67
N CYS A 41 -6.12 0.53 5.44
CA CYS A 41 -6.50 -0.71 4.79
C CYS A 41 -5.32 -1.68 4.89
N GLN A 42 -4.43 -1.39 5.84
CA GLN A 42 -3.33 -2.29 6.13
C GLN A 42 -3.86 -3.64 6.59
N ASN A 43 -5.12 -3.64 7.01
CA ASN A 43 -5.82 -4.89 7.28
C ASN A 43 -5.65 -5.83 6.09
N GLN A 44 -5.81 -5.27 4.90
CA GLN A 44 -5.80 -6.06 3.68
C GLN A 44 -4.41 -6.04 3.05
N GLU A 45 -3.85 -4.85 2.94
CA GLU A 45 -2.56 -4.67 2.29
C GLU A 45 -1.44 -5.18 3.20
N PHE A 46 -0.37 -5.65 2.58
CA PHE A 46 0.61 -6.45 3.28
C PHE A 46 1.55 -5.58 4.10
N GLU A 47 1.31 -4.27 4.03
CA GLU A 47 2.15 -3.31 4.70
C GLU A 47 2.33 -3.70 6.17
N SER A 48 3.56 -3.56 6.65
CA SER A 48 3.82 -3.57 8.08
C SER A 48 3.92 -2.14 8.60
N ALA A 49 4.83 -1.39 8.00
CA ALA A 49 4.92 0.04 8.27
C ALA A 49 5.62 0.74 7.10
N ALA A 50 6.81 0.26 6.79
CA ALA A 50 7.45 0.60 5.53
C ALA A 50 7.40 -0.60 4.60
N GLY A 51 7.89 -1.72 5.10
CA GLY A 51 7.69 -2.99 4.41
C GLY A 51 8.52 -3.05 3.13
N SER A 52 9.73 -2.51 3.20
CA SER A 52 10.60 -2.47 2.05
C SER A 52 10.83 -3.88 1.50
N THR A 53 11.05 -4.81 2.42
CA THR A 53 11.09 -6.22 2.07
C THR A 53 12.31 -6.52 1.20
N THR A 54 12.19 -6.16 -0.07
CA THR A 54 13.17 -6.58 -1.06
C THR A 54 14.39 -5.65 -1.02
N LEU A 55 14.10 -4.37 -0.85
CA LEU A 55 15.17 -3.37 -0.80
C LEU A 55 15.60 -3.19 0.65
N GLY A 56 16.74 -2.53 0.81
CA GLY A 56 17.23 -2.19 2.13
C GLY A 56 16.30 -1.18 2.82
N PRO A 57 16.74 -0.72 4.02
CA PRO A 57 15.88 0.09 4.87
C PRO A 57 15.77 1.51 4.33
N GLN A 58 14.99 1.65 3.25
CA GLN A 58 14.70 2.95 2.70
C GLN A 58 13.41 3.51 3.29
N ASP A 1 -14.56 -3.79 -1.81
CA ASP A 1 -15.93 -4.10 -1.42
C ASP A 1 -15.92 -5.19 -0.35
N GLN A 2 -14.89 -6.03 -0.42
CA GLN A 2 -14.72 -7.08 0.56
C GLN A 2 -14.05 -6.53 1.82
N ASN A 3 -13.40 -5.38 1.66
CA ASN A 3 -12.67 -4.77 2.74
C ASN A 3 -12.37 -3.31 2.40
N CYS A 4 -11.83 -2.60 3.38
CA CYS A 4 -11.48 -1.20 3.19
C CYS A 4 -10.58 -1.10 1.95
N ASP A 5 -10.90 -0.13 1.11
CA ASP A 5 -10.40 -0.13 -0.25
C ASP A 5 -8.88 0.08 -0.24
N ILE A 6 -8.16 -1.03 -0.39
CA ILE A 6 -6.72 -0.97 -0.51
C ILE A 6 -6.33 -0.17 -1.74
N GLY A 7 -7.14 -0.32 -2.78
CA GLY A 7 -6.69 0.00 -4.13
C GLY A 7 -7.30 1.33 -4.60
N ASN A 8 -7.57 2.19 -3.63
CA ASN A 8 -8.15 3.49 -3.93
C ASN A 8 -7.04 4.43 -4.42
N ILE A 9 -5.86 4.25 -3.85
CA ILE A 9 -4.82 5.27 -3.93
C ILE A 9 -3.74 4.81 -4.91
N THR A 10 -3.43 3.52 -4.83
CA THR A 10 -2.30 2.98 -5.57
C THR A 10 -2.60 2.98 -7.07
N SER A 11 -3.89 3.03 -7.38
CA SER A 11 -4.32 3.22 -8.76
C SER A 11 -3.48 4.30 -9.43
N GLN A 12 -3.22 5.36 -8.67
CA GLN A 12 -2.42 6.47 -9.17
C GLN A 12 -0.94 6.10 -9.16
N CYS A 13 -0.46 5.71 -7.99
CA CYS A 13 0.97 5.66 -7.75
C CYS A 13 1.59 4.64 -8.70
N GLN A 14 0.84 3.57 -8.92
CA GLN A 14 1.36 2.44 -9.66
C GLN A 14 1.82 2.87 -11.05
N MET A 15 1.02 3.74 -11.66
CA MET A 15 1.33 4.24 -13.00
C MET A 15 2.19 5.49 -12.93
N GLN A 16 1.95 6.29 -11.90
CA GLN A 16 2.57 7.60 -11.80
C GLN A 16 4.08 7.47 -11.64
N HIS A 17 4.47 6.61 -10.71
CA HIS A 17 5.87 6.51 -10.32
C HIS A 17 6.13 5.16 -9.67
N LYS A 18 6.20 4.14 -10.52
CA LYS A 18 6.39 2.78 -10.05
C LYS A 18 7.00 1.93 -11.17
N ASN A 19 6.22 1.79 -12.25
CA ASN A 19 6.43 0.70 -13.17
C ASN A 19 6.27 -0.63 -12.44
N CYS A 20 6.18 -1.70 -13.22
CA CYS A 20 5.98 -3.03 -12.66
C CYS A 20 4.51 -3.18 -12.29
N GLU A 21 4.00 -2.21 -11.55
CA GLU A 21 2.57 -2.09 -11.32
C GLU A 21 2.12 -3.11 -10.28
N ASP A 22 2.95 -3.27 -9.25
CA ASP A 22 2.66 -4.23 -8.21
C ASP A 22 3.17 -3.70 -6.86
N ALA A 23 2.56 -4.18 -5.80
CA ALA A 23 2.88 -3.70 -4.47
C ALA A 23 4.26 -4.21 -4.07
N ASN A 24 4.46 -5.51 -4.25
CA ASN A 24 5.70 -6.14 -3.84
C ASN A 24 6.76 -5.92 -4.93
N GLY A 25 6.30 -5.97 -6.17
CA GLY A 25 7.20 -5.85 -7.30
C GLY A 25 7.81 -4.45 -7.36
N CYS A 26 9.14 -4.41 -7.23
CA CYS A 26 9.87 -3.17 -7.40
C CYS A 26 9.54 -2.27 -6.21
N ASP A 27 9.09 -2.89 -5.13
CA ASP A 27 8.61 -2.15 -3.97
C ASP A 27 9.68 -1.14 -3.56
N THR A 28 9.32 0.13 -3.69
CA THR A 28 10.16 1.21 -3.18
C THR A 28 9.31 2.44 -2.89
N ILE A 29 8.66 2.93 -3.92
CA ILE A 29 7.86 4.16 -3.79
C ILE A 29 6.50 3.82 -3.19
N ILE A 30 5.93 2.73 -3.67
CA ILE A 30 4.59 2.34 -3.26
C ILE A 30 4.59 2.02 -1.76
N GLU A 31 5.79 1.74 -1.25
CA GLU A 31 5.95 1.48 0.17
C GLU A 31 5.46 2.66 0.99
N GLU A 32 5.72 3.86 0.48
CA GLU A 32 5.27 5.08 1.13
C GLU A 32 3.89 5.48 0.60
N CYS A 33 3.77 5.44 -0.72
CA CYS A 33 2.58 5.96 -1.38
C CYS A 33 1.37 5.20 -0.86
N LYS A 34 1.52 3.89 -0.78
CA LYS A 34 0.45 3.04 -0.28
C LYS A 34 0.13 3.42 1.16
N THR A 35 1.11 3.20 2.03
CA THR A 35 0.85 3.18 3.46
C THR A 35 0.26 4.50 3.92
N SER A 36 0.54 5.54 3.15
CA SER A 36 -0.01 6.86 3.42
C SER A 36 -1.52 6.77 3.63
N MET A 37 -2.21 6.44 2.56
CA MET A 37 -3.66 6.53 2.54
C MET A 37 -4.30 5.16 2.82
N VAL A 38 -3.47 4.13 2.71
CA VAL A 38 -3.92 2.79 3.01
C VAL A 38 -3.75 2.52 4.51
N GLU A 39 -3.18 3.49 5.19
CA GLU A 39 -3.02 3.41 6.63
C GLU A 39 -4.26 2.74 7.26
N ARG A 40 -5.41 3.29 6.93
CA ARG A 40 -6.64 2.93 7.63
C ARG A 40 -7.25 1.67 6.99
N CYS A 41 -6.69 1.29 5.85
CA CYS A 41 -7.13 0.09 5.16
C CYS A 41 -6.07 -0.99 5.33
N GLN A 42 -5.17 -0.75 6.28
CA GLN A 42 -4.04 -1.65 6.48
C GLN A 42 -4.53 -3.03 6.89
N ASN A 43 -5.81 -3.10 7.23
CA ASN A 43 -6.47 -4.38 7.37
C ASN A 43 -5.99 -5.33 6.27
N GLN A 44 -5.97 -4.82 5.05
CA GLN A 44 -5.70 -5.64 3.90
C GLN A 44 -4.19 -5.71 3.63
N GLU A 45 -3.56 -4.53 3.69
CA GLU A 45 -2.19 -4.40 3.25
C GLU A 45 -1.24 -5.07 4.25
N PHE A 46 -1.70 -5.15 5.48
CA PHE A 46 -0.84 -5.56 6.58
C PHE A 46 0.50 -4.82 6.54
N GLU A 47 0.45 -3.57 6.97
CA GLU A 47 1.62 -2.71 6.90
C GLU A 47 2.73 -3.25 7.80
N SER A 48 2.33 -4.09 8.74
CA SER A 48 3.26 -4.99 9.41
C SER A 48 4.26 -4.18 10.23
N ALA A 49 5.29 -4.87 10.71
CA ALA A 49 6.32 -4.23 11.52
C ALA A 49 7.22 -3.39 10.62
N ALA A 50 6.69 -2.24 10.22
CA ALA A 50 7.46 -1.31 9.40
C ALA A 50 7.08 0.12 9.78
N GLY A 51 5.81 0.44 9.58
CA GLY A 51 5.32 1.78 9.85
C GLY A 51 6.01 2.80 8.94
N SER A 52 6.14 2.43 7.68
CA SER A 52 6.82 3.27 6.71
C SER A 52 6.23 4.68 6.73
N THR A 53 4.90 4.73 6.73
CA THR A 53 4.20 5.95 7.08
C THR A 53 3.33 5.73 8.32
N THR A 54 4.01 5.47 9.44
CA THR A 54 3.33 5.39 10.72
C THR A 54 2.41 4.18 10.77
N LEU A 55 2.13 3.74 11.98
CA LEU A 55 1.21 2.63 12.18
C LEU A 55 -0.22 3.08 11.87
N GLY A 56 -0.69 4.04 12.66
CA GLY A 56 -2.03 4.54 12.52
C GLY A 56 -3.04 3.41 12.42
N PRO A 57 -3.32 2.78 13.60
CA PRO A 57 -4.04 1.51 13.61
C PRO A 57 -5.53 1.72 13.33
N GLN A 58 -5.94 2.98 13.39
CA GLN A 58 -7.28 3.34 12.96
C GLN A 58 -7.44 3.10 11.46
N ASP A 1 -10.73 -6.20 1.15
CA ASP A 1 -11.84 -7.12 1.36
C ASP A 1 -12.47 -6.84 2.72
N GLN A 2 -13.64 -6.20 2.68
CA GLN A 2 -14.37 -5.89 3.89
C GLN A 2 -13.52 -5.01 4.81
N ASN A 3 -12.68 -4.18 4.18
CA ASN A 3 -11.86 -3.24 4.92
C ASN A 3 -11.36 -2.16 3.97
N CYS A 4 -12.23 -1.19 3.72
CA CYS A 4 -11.87 -0.05 2.91
C CYS A 4 -11.64 -0.52 1.48
N ASP A 5 -11.61 0.44 0.57
CA ASP A 5 -11.32 0.14 -0.83
C ASP A 5 -9.81 0.02 -1.02
N ILE A 6 -9.27 -1.11 -0.54
CA ILE A 6 -7.89 -1.46 -0.83
C ILE A 6 -7.61 -1.19 -2.31
N GLY A 7 -6.68 -0.27 -2.54
CA GLY A 7 -6.08 -0.12 -3.86
C GLY A 7 -6.63 1.13 -4.56
N ASN A 8 -7.49 1.83 -3.86
CA ASN A 8 -8.15 2.99 -4.43
C ASN A 8 -7.12 4.12 -4.62
N ILE A 9 -6.13 4.12 -3.74
CA ILE A 9 -5.15 5.20 -3.71
C ILE A 9 -3.99 4.85 -4.64
N THR A 10 -3.64 3.57 -4.64
CA THR A 10 -2.43 3.12 -5.31
C THR A 10 -2.57 3.28 -6.82
N SER A 11 -3.76 2.97 -7.32
CA SER A 11 -3.99 2.91 -8.75
C SER A 11 -3.38 4.13 -9.43
N GLN A 12 -3.49 5.26 -8.75
CA GLN A 12 -2.98 6.51 -9.29
C GLN A 12 -1.45 6.50 -9.27
N CYS A 13 -0.90 5.99 -8.18
CA CYS A 13 0.52 6.12 -7.92
C CYS A 13 1.26 5.14 -8.84
N GLN A 14 0.64 3.99 -9.05
CA GLN A 14 1.33 2.87 -9.66
C GLN A 14 2.10 3.34 -10.90
N MET A 15 1.36 3.63 -11.96
CA MET A 15 1.93 3.71 -13.29
C MET A 15 2.72 5.01 -13.46
N GLN A 16 2.54 5.91 -12.51
CA GLN A 16 3.24 7.18 -12.52
C GLN A 16 4.74 6.96 -12.32
N HIS A 17 5.05 5.98 -11.48
CA HIS A 17 6.42 5.81 -11.01
C HIS A 17 6.56 4.45 -10.33
N LYS A 18 6.33 3.40 -11.11
CA LYS A 18 6.71 2.06 -10.69
C LYS A 18 7.37 1.34 -11.87
N ASN A 19 8.27 0.42 -11.53
CA ASN A 19 8.83 -0.49 -12.51
C ASN A 19 8.07 -1.81 -12.47
N CYS A 20 7.33 -2.00 -11.39
CA CYS A 20 6.33 -3.06 -11.33
C CYS A 20 5.11 -2.53 -10.59
N GLU A 21 3.96 -2.66 -11.24
CA GLU A 21 2.76 -2.01 -10.76
C GLU A 21 2.28 -2.67 -9.47
N ASP A 22 2.78 -3.87 -9.24
CA ASP A 22 2.46 -4.59 -8.01
C ASP A 22 2.96 -3.78 -6.81
N ALA A 23 2.02 -3.38 -5.98
CA ALA A 23 2.31 -2.41 -4.92
C ALA A 23 3.30 -3.04 -3.93
N ASN A 24 2.93 -4.21 -3.43
CA ASN A 24 3.71 -4.86 -2.40
C ASN A 24 5.01 -5.40 -3.00
N GLY A 25 4.94 -5.73 -4.28
CA GLY A 25 6.04 -6.41 -4.94
C GLY A 25 7.32 -5.59 -4.88
N CYS A 26 7.24 -4.39 -5.46
CA CYS A 26 8.39 -3.51 -5.53
C CYS A 26 8.39 -2.63 -4.29
N ASP A 27 7.21 -2.14 -3.94
CA ASP A 27 7.06 -1.26 -2.80
C ASP A 27 8.27 -0.31 -2.73
N THR A 28 8.59 0.26 -3.87
CA THR A 28 9.77 1.09 -3.98
C THR A 28 9.44 2.56 -3.66
N ILE A 29 8.71 3.18 -4.57
CA ILE A 29 8.33 4.57 -4.40
C ILE A 29 6.94 4.65 -3.77
N ILE A 30 6.13 3.64 -4.06
CA ILE A 30 4.76 3.62 -3.60
C ILE A 30 4.72 3.32 -2.10
N GLU A 31 5.87 2.93 -1.59
CA GLU A 31 6.05 2.84 -0.15
C GLU A 31 5.33 3.99 0.55
N GLU A 32 5.60 5.20 0.06
CA GLU A 32 5.18 6.40 0.76
C GLU A 32 3.77 6.80 0.33
N CYS A 33 3.45 6.50 -0.92
CA CYS A 33 2.15 6.83 -1.48
C CYS A 33 1.10 5.95 -0.80
N LYS A 34 1.49 4.72 -0.53
CA LYS A 34 0.54 3.70 -0.11
C LYS A 34 0.06 4.00 1.31
N THR A 35 0.97 3.80 2.25
CA THR A 35 0.58 3.66 3.65
C THR A 35 -0.10 4.94 4.14
N SER A 36 0.16 6.03 3.44
CA SER A 36 -0.53 7.28 3.71
C SER A 36 -2.01 7.01 3.94
N MET A 37 -2.66 6.48 2.92
CA MET A 37 -4.10 6.29 2.96
C MET A 37 -4.45 4.84 3.32
N VAL A 38 -3.46 3.97 3.16
CA VAL A 38 -3.71 2.54 3.27
C VAL A 38 -3.44 2.09 4.71
N GLU A 39 -2.98 3.04 5.51
CA GLU A 39 -2.64 2.73 6.90
C GLU A 39 -3.74 1.89 7.54
N ARG A 40 -4.97 2.35 7.37
CA ARG A 40 -6.11 1.69 7.99
C ARG A 40 -6.32 0.30 7.38
N CYS A 41 -5.95 0.19 6.12
CA CYS A 41 -6.21 -1.03 5.37
C CYS A 41 -4.92 -1.85 5.32
N GLN A 42 -4.04 -1.57 6.28
CA GLN A 42 -2.78 -2.28 6.37
C GLN A 42 -3.02 -3.80 6.33
N ASN A 43 -4.17 -4.19 6.84
CA ASN A 43 -4.54 -5.59 6.85
C ASN A 43 -4.57 -6.12 5.41
N GLN A 44 -5.24 -5.37 4.55
CA GLN A 44 -5.62 -5.89 3.25
C GLN A 44 -4.43 -5.83 2.28
N GLU A 45 -3.63 -4.79 2.45
CA GLU A 45 -2.41 -4.65 1.68
C GLU A 45 -1.29 -5.49 2.28
N PHE A 46 -1.61 -6.11 3.41
CA PHE A 46 -0.58 -6.65 4.29
C PHE A 46 0.71 -5.82 4.19
N GLU A 47 0.70 -4.71 4.90
CA GLU A 47 1.81 -3.77 4.82
C GLU A 47 3.11 -4.44 5.26
N SER A 48 4.13 -4.29 4.44
CA SER A 48 5.38 -4.99 4.66
C SER A 48 6.48 -4.40 3.78
N ALA A 49 6.63 -3.09 3.88
CA ALA A 49 7.55 -2.37 3.02
C ALA A 49 8.99 -2.80 3.34
N ALA A 50 9.77 -2.99 2.29
CA ALA A 50 11.11 -3.52 2.45
C ALA A 50 12.05 -2.39 2.89
N GLY A 51 11.74 -1.19 2.42
CA GLY A 51 12.41 0.00 2.92
C GLY A 51 12.01 0.27 4.38
N SER A 52 10.79 -0.12 4.71
CA SER A 52 10.35 -0.08 6.09
C SER A 52 10.47 1.35 6.65
N THR A 53 10.06 2.30 5.81
CA THR A 53 9.94 3.67 6.26
C THR A 53 8.82 4.39 5.52
N THR A 54 7.70 4.54 6.21
CA THR A 54 6.49 5.03 5.59
C THR A 54 5.56 5.65 6.63
N LEU A 55 4.42 6.15 6.17
CA LEU A 55 3.40 6.65 7.06
C LEU A 55 2.65 5.47 7.68
N GLY A 56 3.34 4.79 8.59
CA GLY A 56 2.83 3.55 9.14
C GLY A 56 3.71 3.05 10.29
N PRO A 57 3.56 1.74 10.62
CA PRO A 57 4.23 1.17 11.76
C PRO A 57 5.72 0.96 11.48
N GLN A 58 6.07 1.06 10.20
CA GLN A 58 7.45 0.92 9.78
C GLN A 58 7.75 1.83 8.60
N ASP A 1 -10.50 -5.54 0.01
CA ASP A 1 -11.34 -4.35 -0.11
C ASP A 1 -12.52 -4.48 0.85
N GLN A 2 -12.48 -5.53 1.67
CA GLN A 2 -13.57 -5.80 2.59
C GLN A 2 -13.61 -4.75 3.70
N ASN A 3 -12.49 -4.06 3.85
CA ASN A 3 -12.41 -2.96 4.81
C ASN A 3 -12.66 -1.64 4.09
N CYS A 4 -11.94 -1.46 2.98
CA CYS A 4 -12.20 -0.33 2.10
C CYS A 4 -11.65 -0.67 0.71
N ASP A 5 -10.34 -0.47 0.57
CA ASP A 5 -9.71 -0.55 -0.73
C ASP A 5 -8.24 -0.14 -0.61
N ILE A 6 -7.37 -1.13 -0.78
CA ILE A 6 -5.94 -0.86 -0.80
C ILE A 6 -5.58 -0.10 -2.08
N GLY A 7 -6.41 -0.29 -3.09
CA GLY A 7 -6.07 0.16 -4.43
C GLY A 7 -6.78 1.48 -4.77
N ASN A 8 -6.83 2.35 -3.77
CA ASN A 8 -7.47 3.64 -3.96
C ASN A 8 -6.41 4.69 -4.35
N ILE A 9 -5.24 4.52 -3.77
CA ILE A 9 -4.16 5.47 -3.97
C ILE A 9 -3.15 4.90 -4.98
N THR A 10 -2.87 3.62 -4.82
CA THR A 10 -1.82 2.99 -5.59
C THR A 10 -2.23 2.84 -7.06
N SER A 11 -3.54 2.91 -7.27
CA SER A 11 -4.07 3.01 -8.62
C SER A 11 -3.36 4.14 -9.38
N GLN A 12 -3.11 5.22 -8.66
CA GLN A 12 -2.39 6.34 -9.23
C GLN A 12 -0.89 6.07 -9.22
N CYS A 13 -0.39 5.71 -8.05
CA CYS A 13 1.04 5.73 -7.81
C CYS A 13 1.71 4.76 -8.79
N GLN A 14 1.06 3.62 -8.98
CA GLN A 14 1.66 2.55 -9.76
C GLN A 14 1.92 3.02 -11.19
N MET A 15 0.94 3.70 -11.76
CA MET A 15 1.05 4.20 -13.12
C MET A 15 1.91 5.46 -13.17
N GLN A 16 1.82 6.26 -12.12
CA GLN A 16 2.40 7.59 -12.13
C GLN A 16 3.93 7.49 -12.07
N HIS A 17 4.41 6.73 -11.10
CA HIS A 17 5.82 6.74 -10.76
C HIS A 17 6.22 5.38 -10.17
N LYS A 18 6.09 4.35 -10.99
CA LYS A 18 6.37 3.00 -10.54
C LYS A 18 6.57 2.09 -11.76
N ASN A 19 5.50 1.95 -12.52
CA ASN A 19 5.37 0.81 -13.42
C ASN A 19 5.46 -0.48 -12.62
N CYS A 20 5.31 -1.60 -13.33
CA CYS A 20 5.48 -2.90 -12.71
C CYS A 20 4.18 -3.27 -11.99
N GLU A 21 3.64 -2.29 -11.27
CA GLU A 21 2.26 -2.34 -10.84
C GLU A 21 2.05 -3.49 -9.85
N ASP A 22 2.90 -3.49 -8.82
CA ASP A 22 2.88 -4.57 -7.84
C ASP A 22 3.09 -3.99 -6.44
N ALA A 23 2.06 -4.14 -5.61
CA ALA A 23 2.13 -3.65 -4.25
C ALA A 23 2.76 -4.73 -3.36
N ASN A 24 4.01 -5.05 -3.66
CA ASN A 24 4.72 -6.09 -2.94
C ASN A 24 6.17 -6.18 -3.45
N GLY A 25 6.28 -6.26 -4.76
CA GLY A 25 7.57 -6.53 -5.38
C GLY A 25 8.42 -5.26 -5.46
N CYS A 26 7.85 -4.24 -6.07
CA CYS A 26 8.61 -3.03 -6.39
C CYS A 26 8.46 -2.06 -5.23
N ASP A 27 8.91 -2.50 -4.05
CA ASP A 27 8.72 -1.73 -2.84
C ASP A 27 9.81 -0.67 -2.72
N THR A 28 9.45 0.56 -3.09
CA THR A 28 10.29 1.70 -2.80
C THR A 28 9.44 2.96 -2.66
N ILE A 29 8.85 3.36 -3.77
CA ILE A 29 8.00 4.53 -3.79
C ILE A 29 6.60 4.17 -3.29
N ILE A 30 6.18 2.97 -3.67
CA ILE A 30 4.83 2.53 -3.37
C ILE A 30 4.68 2.29 -1.86
N GLU A 31 5.83 2.12 -1.22
CA GLU A 31 5.85 1.89 0.21
C GLU A 31 5.11 3.02 0.95
N GLU A 32 5.48 4.24 0.59
CA GLU A 32 4.92 5.41 1.25
C GLU A 32 3.60 5.80 0.58
N CYS A 33 3.59 5.73 -0.74
CA CYS A 33 2.44 6.17 -1.50
C CYS A 33 1.25 5.28 -1.14
N LYS A 34 1.57 4.04 -0.79
CA LYS A 34 0.54 3.10 -0.34
C LYS A 34 0.16 3.44 1.10
N THR A 35 1.15 3.35 1.98
CA THR A 35 0.89 3.45 3.40
C THR A 35 0.09 4.72 3.71
N SER A 36 0.35 5.75 2.93
CA SER A 36 -0.28 7.04 3.15
C SER A 36 -1.76 6.84 3.47
N MET A 37 -2.49 6.32 2.50
CA MET A 37 -3.93 6.20 2.62
C MET A 37 -4.34 4.82 3.10
N VAL A 38 -3.52 3.84 2.76
CA VAL A 38 -3.89 2.44 2.95
C VAL A 38 -3.64 2.05 4.41
N GLU A 39 -3.03 2.97 5.14
CA GLU A 39 -2.99 2.86 6.59
C GLU A 39 -4.31 2.34 7.12
N ARG A 40 -5.39 2.95 6.66
CA ARG A 40 -6.70 2.71 7.24
C ARG A 40 -7.34 1.46 6.62
N CYS A 41 -6.70 0.99 5.56
CA CYS A 41 -7.14 -0.24 4.92
C CYS A 41 -6.07 -1.31 5.15
N GLN A 42 -5.23 -1.05 6.14
CA GLN A 42 -4.10 -1.94 6.42
C GLN A 42 -4.60 -3.34 6.74
N ASN A 43 -5.85 -3.41 7.15
CA ASN A 43 -6.49 -4.69 7.42
C ASN A 43 -6.16 -5.67 6.29
N GLN A 44 -6.17 -5.13 5.08
CA GLN A 44 -5.87 -5.94 3.91
C GLN A 44 -4.35 -5.96 3.65
N GLU A 45 -3.78 -4.76 3.59
CA GLU A 45 -2.40 -4.63 3.19
C GLU A 45 -1.49 -5.42 4.13
N PHE A 46 -0.61 -6.22 3.53
CA PHE A 46 0.51 -6.78 4.26
C PHE A 46 1.55 -5.71 4.56
N GLU A 47 1.16 -4.77 5.42
CA GLU A 47 2.01 -3.64 5.72
C GLU A 47 3.13 -4.05 6.68
N SER A 48 4.07 -4.81 6.15
CA SER A 48 5.13 -5.38 6.96
C SER A 48 4.53 -6.20 8.11
N ALA A 49 3.36 -6.76 7.83
CA ALA A 49 2.55 -7.35 8.88
C ALA A 49 2.99 -8.81 9.10
N ALA A 50 4.29 -8.97 9.30
CA ALA A 50 4.89 -10.29 9.22
C ALA A 50 4.70 -11.02 10.56
N GLY A 51 4.80 -10.25 11.63
CA GLY A 51 4.64 -10.81 12.96
C GLY A 51 3.23 -11.37 13.16
N SER A 52 2.27 -10.69 12.57
CA SER A 52 0.88 -11.11 12.67
C SER A 52 0.65 -12.36 11.82
N THR A 53 1.32 -12.39 10.67
CA THR A 53 1.13 -13.48 9.73
C THR A 53 1.65 -14.79 10.30
N THR A 54 0.74 -15.73 10.51
CA THR A 54 1.08 -16.99 11.14
C THR A 54 1.70 -16.74 12.51
N LEU A 55 1.06 -15.88 13.28
CA LEU A 55 1.44 -15.67 14.66
C LEU A 55 1.21 -16.97 15.45
N GLY A 56 0.11 -17.63 15.13
CA GLY A 56 -0.23 -18.88 15.79
C GLY A 56 -1.51 -19.48 15.20
N PRO A 57 -1.97 -20.60 15.84
CA PRO A 57 -3.19 -21.25 15.41
C PRO A 57 -4.42 -20.45 15.85
N GLN A 58 -5.54 -20.73 15.19
CA GLN A 58 -6.78 -20.03 15.49
C GLN A 58 -7.28 -20.42 16.89
N ASP A 1 -8.67 -9.76 0.04
CA ASP A 1 -8.85 -9.31 -1.33
C ASP A 1 -9.38 -7.87 -1.32
N GLN A 2 -10.38 -7.65 -0.50
CA GLN A 2 -10.97 -6.32 -0.37
C GLN A 2 -11.84 -6.24 0.89
N ASN A 3 -12.08 -5.01 1.33
CA ASN A 3 -12.86 -4.79 2.53
C ASN A 3 -13.14 -3.30 2.68
N CYS A 4 -12.11 -2.51 2.43
CA CYS A 4 -12.23 -1.06 2.50
C CYS A 4 -11.94 -0.48 1.12
N ASP A 5 -10.73 -0.77 0.64
CA ASP A 5 -10.26 -0.20 -0.61
C ASP A 5 -9.16 -1.09 -1.20
N ILE A 6 -8.06 -1.15 -0.48
CA ILE A 6 -6.82 -1.65 -1.05
C ILE A 6 -6.79 -1.34 -2.55
N GLY A 7 -6.92 -0.05 -2.84
CA GLY A 7 -6.66 0.43 -4.19
C GLY A 7 -7.14 1.87 -4.36
N ASN A 8 -6.87 2.67 -3.34
CA ASN A 8 -7.38 4.04 -3.30
C ASN A 8 -6.30 5.00 -3.76
N ILE A 9 -5.15 4.91 -3.11
CA ILE A 9 -4.11 5.90 -3.30
C ILE A 9 -3.02 5.33 -4.22
N THR A 10 -2.85 4.02 -4.13
CA THR A 10 -1.77 3.36 -4.84
C THR A 10 -1.99 3.45 -6.35
N SER A 11 -3.24 3.29 -6.73
CA SER A 11 -3.59 3.23 -8.15
C SER A 11 -2.98 4.43 -8.89
N GLN A 12 -3.00 5.56 -8.21
CA GLN A 12 -2.59 6.80 -8.84
C GLN A 12 -1.06 6.82 -9.05
N CYS A 13 -0.38 6.08 -8.18
CA CYS A 13 1.08 6.07 -8.21
C CYS A 13 1.53 4.92 -9.10
N GLN A 14 0.76 3.84 -9.08
CA GLN A 14 1.22 2.57 -9.59
C GLN A 14 1.69 2.72 -11.04
N MET A 15 0.80 3.28 -11.86
CA MET A 15 1.07 3.40 -13.29
C MET A 15 2.09 4.49 -13.56
N GLN A 16 2.08 5.50 -12.71
CA GLN A 16 2.69 6.78 -13.04
C GLN A 16 4.20 6.73 -12.79
N HIS A 17 4.56 6.11 -11.67
CA HIS A 17 5.95 6.05 -11.26
C HIS A 17 6.17 4.82 -10.39
N LYS A 18 5.83 3.66 -10.94
CA LYS A 18 6.04 2.41 -10.25
C LYS A 18 6.21 1.29 -11.28
N ASN A 19 7.46 0.93 -11.52
CA ASN A 19 7.77 -0.12 -12.48
C ASN A 19 7.07 -1.41 -12.05
N CYS A 20 6.54 -2.11 -13.04
CA CYS A 20 6.13 -3.50 -12.85
C CYS A 20 4.73 -3.50 -12.25
N GLU A 21 4.47 -2.52 -11.40
CA GLU A 21 3.13 -1.98 -11.25
C GLU A 21 2.32 -2.86 -10.29
N ASP A 22 2.86 -3.04 -9.10
CA ASP A 22 2.23 -3.90 -8.11
C ASP A 22 2.54 -3.36 -6.71
N ALA A 23 1.68 -3.75 -5.77
CA ALA A 23 1.80 -3.25 -4.41
C ALA A 23 2.65 -4.23 -3.58
N ASN A 24 2.70 -5.46 -4.06
CA ASN A 24 3.28 -6.53 -3.27
C ASN A 24 4.80 -6.54 -3.47
N GLY A 25 5.23 -5.83 -4.50
CA GLY A 25 6.64 -5.86 -4.90
C GLY A 25 7.04 -4.54 -5.56
N CYS A 26 8.31 -4.49 -5.97
CA CYS A 26 8.80 -3.33 -6.70
C CYS A 26 8.61 -2.10 -5.82
N ASP A 27 8.55 -2.33 -4.52
CA ASP A 27 7.98 -1.37 -3.60
C ASP A 27 9.05 -0.34 -3.21
N THR A 28 9.41 0.49 -4.16
CA THR A 28 10.33 1.59 -3.90
C THR A 28 9.56 2.88 -3.63
N ILE A 29 8.73 3.25 -4.60
CA ILE A 29 8.05 4.54 -4.55
C ILE A 29 6.76 4.39 -3.75
N ILE A 30 6.15 3.22 -3.85
CA ILE A 30 4.87 2.98 -3.23
C ILE A 30 5.03 2.98 -1.71
N GLU A 31 6.28 2.88 -1.29
CA GLU A 31 6.59 2.94 0.13
C GLU A 31 5.85 4.10 0.80
N GLU A 32 5.92 5.25 0.14
CA GLU A 32 5.28 6.45 0.66
C GLU A 32 3.79 6.46 0.28
N CYS A 33 3.54 6.15 -0.99
CA CYS A 33 2.22 6.38 -1.57
C CYS A 33 1.22 5.47 -0.87
N LYS A 34 1.71 4.32 -0.44
CA LYS A 34 0.84 3.29 0.10
C LYS A 34 0.37 3.72 1.50
N THR A 35 1.26 3.61 2.47
CA THR A 35 0.87 3.56 3.86
C THR A 35 0.13 4.85 4.24
N SER A 36 0.39 5.90 3.47
CA SER A 36 -0.33 7.15 3.65
C SER A 36 -1.79 6.87 4.01
N MET A 37 -2.53 6.41 3.01
CA MET A 37 -3.97 6.27 3.16
C MET A 37 -4.39 4.80 3.28
N VAL A 38 -3.38 3.94 3.15
CA VAL A 38 -3.62 2.51 3.29
C VAL A 38 -3.49 2.12 4.76
N GLU A 39 -3.12 3.10 5.57
CA GLU A 39 -3.11 2.93 7.02
C GLU A 39 -4.41 2.22 7.47
N ARG A 40 -5.52 2.72 6.94
CA ARG A 40 -6.83 2.25 7.38
C ARG A 40 -7.10 0.86 6.81
N CYS A 41 -6.34 0.50 5.79
CA CYS A 41 -6.51 -0.79 5.14
C CYS A 41 -5.26 -1.64 5.40
N GLN A 42 -4.51 -1.23 6.42
CA GLN A 42 -3.24 -1.86 6.70
C GLN A 42 -3.43 -3.37 6.87
N ASN A 43 -4.59 -3.74 7.38
CA ASN A 43 -4.90 -5.14 7.60
C ASN A 43 -4.93 -5.87 6.25
N GLN A 44 -5.53 -5.22 5.27
CA GLN A 44 -5.81 -5.86 4.00
C GLN A 44 -4.55 -5.91 3.14
N GLU A 45 -3.81 -4.81 3.14
CA GLU A 45 -2.60 -4.72 2.36
C GLU A 45 -1.39 -5.09 3.22
N PHE A 46 -1.65 -5.86 4.27
CA PHE A 46 -0.59 -6.42 5.08
C PHE A 46 0.55 -5.41 5.26
N GLU A 47 0.17 -4.17 5.55
CA GLU A 47 1.14 -3.13 5.81
C GLU A 47 1.74 -3.29 7.21
N SER A 48 0.87 -3.60 8.16
CA SER A 48 1.32 -3.98 9.49
C SER A 48 2.19 -2.87 10.09
N ALA A 49 1.70 -1.63 9.94
CA ALA A 49 2.34 -0.50 10.58
C ALA A 49 1.68 -0.25 11.93
N ALA A 50 2.47 0.30 12.85
CA ALA A 50 2.05 0.41 14.23
C ALA A 50 1.26 1.71 14.43
N GLY A 51 0.18 1.83 13.68
CA GLY A 51 -0.72 2.96 13.84
C GLY A 51 0.04 4.28 13.71
N SER A 52 0.99 4.29 12.79
CA SER A 52 1.88 5.44 12.65
C SER A 52 1.24 6.48 11.73
N THR A 53 0.00 6.82 12.05
CA THR A 53 -0.85 7.50 11.10
C THR A 53 -0.29 8.87 10.73
N THR A 54 0.38 8.91 9.59
CA THR A 54 0.90 10.18 9.08
C THR A 54 0.54 10.36 7.62
N LEU A 55 0.55 11.61 7.18
CA LEU A 55 0.21 11.94 5.81
C LEU A 55 1.30 12.81 5.21
N GLY A 56 2.16 12.19 4.42
CA GLY A 56 3.18 12.91 3.68
C GLY A 56 4.49 12.12 3.60
N PRO A 57 5.17 12.03 4.77
CA PRO A 57 5.85 10.81 5.14
C PRO A 57 4.84 9.75 5.62
N GLN A 58 5.13 8.51 5.27
CA GLN A 58 4.15 7.67 4.61
C GLN A 58 3.11 8.54 3.90
N ASP A 1 -9.58 -6.58 -5.73
CA ASP A 1 -9.78 -6.75 -4.30
C ASP A 1 -10.55 -5.56 -3.75
N GLN A 2 -11.31 -5.81 -2.69
CA GLN A 2 -12.12 -4.76 -2.09
C GLN A 2 -12.53 -5.18 -0.68
N ASN A 3 -12.44 -4.23 0.24
CA ASN A 3 -12.76 -4.49 1.63
C ASN A 3 -12.91 -3.16 2.38
N CYS A 4 -11.97 -2.26 2.10
CA CYS A 4 -12.22 -0.84 2.26
C CYS A 4 -12.06 -0.16 0.91
N ASP A 5 -10.98 -0.52 0.22
CA ASP A 5 -10.76 -0.02 -1.13
C ASP A 5 -9.52 -0.71 -1.71
N ILE A 6 -8.44 -0.69 -0.94
CA ILE A 6 -7.20 -1.31 -1.36
C ILE A 6 -7.01 -1.07 -2.86
N GLY A 7 -7.21 0.18 -3.26
CA GLY A 7 -6.84 0.61 -4.60
C GLY A 7 -7.18 2.08 -4.80
N ASN A 8 -6.98 2.86 -3.75
CA ASN A 8 -7.44 4.24 -3.75
C ASN A 8 -6.26 5.17 -4.03
N ILE A 9 -5.23 5.03 -3.19
CA ILE A 9 -4.09 5.94 -3.25
C ILE A 9 -2.99 5.29 -4.09
N THR A 10 -2.94 3.97 -4.04
CA THR A 10 -1.88 3.23 -4.70
C THR A 10 -2.06 3.26 -6.22
N SER A 11 -3.31 3.26 -6.63
CA SER A 11 -3.65 3.10 -8.04
C SER A 11 -2.88 4.14 -8.87
N GLN A 12 -2.82 5.36 -8.34
CA GLN A 12 -2.21 6.46 -9.06
C GLN A 12 -0.70 6.23 -9.20
N CYS A 13 -0.08 5.94 -8.06
CA CYS A 13 1.38 5.90 -8.00
C CYS A 13 1.85 4.68 -8.80
N GLN A 14 1.07 3.60 -8.70
CA GLN A 14 1.44 2.36 -9.32
C GLN A 14 1.60 2.55 -10.84
N MET A 15 0.69 3.32 -11.40
CA MET A 15 0.74 3.62 -12.82
C MET A 15 1.74 4.73 -13.12
N GLN A 16 1.73 5.75 -12.27
CA GLN A 16 2.42 6.99 -12.58
C GLN A 16 3.93 6.76 -12.61
N HIS A 17 4.42 6.14 -11.55
CA HIS A 17 5.86 6.03 -11.35
C HIS A 17 6.18 4.73 -10.59
N LYS A 18 6.08 3.63 -11.31
CA LYS A 18 6.32 2.33 -10.71
C LYS A 18 6.59 1.30 -11.81
N ASN A 19 5.64 1.22 -12.75
CA ASN A 19 5.80 0.34 -13.89
C ASN A 19 5.91 -1.11 -13.42
N CYS A 20 5.38 -1.34 -12.22
CA CYS A 20 5.14 -2.71 -11.78
C CYS A 20 4.13 -2.67 -10.63
N GLU A 21 2.89 -2.99 -10.95
CA GLU A 21 1.77 -2.62 -10.10
C GLU A 21 1.85 -3.38 -8.77
N ASP A 22 2.40 -4.58 -8.84
CA ASP A 22 2.36 -5.49 -7.71
C ASP A 22 2.95 -4.80 -6.48
N ALA A 23 2.09 -4.59 -5.50
CA ALA A 23 2.50 -3.90 -4.28
C ALA A 23 3.34 -4.84 -3.41
N ASN A 24 4.58 -5.04 -3.83
CA ASN A 24 5.52 -5.81 -3.03
C ASN A 24 6.90 -5.79 -3.72
N GLY A 25 6.90 -6.28 -4.95
CA GLY A 25 8.16 -6.64 -5.60
C GLY A 25 9.03 -5.40 -5.82
N CYS A 26 8.38 -4.31 -6.19
CA CYS A 26 9.08 -3.13 -6.63
C CYS A 26 9.09 -2.11 -5.47
N ASP A 27 8.54 -2.55 -4.35
CA ASP A 27 8.06 -1.62 -3.34
C ASP A 27 9.17 -0.64 -2.98
N THR A 28 9.00 0.59 -3.42
CA THR A 28 9.89 1.66 -3.01
C THR A 28 9.16 3.01 -3.05
N ILE A 29 8.64 3.33 -4.22
CA ILE A 29 7.91 4.57 -4.40
C ILE A 29 6.52 4.42 -3.79
N ILE A 30 5.99 3.20 -3.87
CA ILE A 30 4.66 2.92 -3.39
C ILE A 30 4.67 2.82 -1.86
N GLU A 31 5.88 2.84 -1.31
CA GLU A 31 6.06 2.69 0.13
C GLU A 31 5.22 3.73 0.88
N GLU A 32 5.45 4.99 0.53
CA GLU A 32 4.80 6.09 1.21
C GLU A 32 3.39 6.30 0.64
N CYS A 33 3.30 6.14 -0.67
CA CYS A 33 2.02 6.34 -1.35
C CYS A 33 1.01 5.36 -0.76
N LYS A 34 1.51 4.18 -0.40
CA LYS A 34 0.69 3.20 0.29
C LYS A 34 0.40 3.69 1.72
N THR A 35 1.44 3.69 2.53
CA THR A 35 1.26 3.79 3.96
C THR A 35 0.36 4.97 4.31
N SER A 36 0.53 6.05 3.55
CA SER A 36 -0.15 7.29 3.84
C SER A 36 -1.61 7.01 4.22
N MET A 37 -2.34 6.48 3.26
CA MET A 37 -3.78 6.33 3.41
C MET A 37 -4.15 4.88 3.79
N VAL A 38 -3.23 3.98 3.48
CA VAL A 38 -3.51 2.56 3.62
C VAL A 38 -3.20 2.14 5.07
N GLU A 39 -2.73 3.10 5.85
CA GLU A 39 -2.71 2.96 7.29
C GLU A 39 -4.03 2.37 7.78
N ARG A 40 -5.11 2.80 7.14
CA ARG A 40 -6.43 2.32 7.48
C ARG A 40 -6.62 0.89 6.97
N CYS A 41 -6.22 0.69 5.72
CA CYS A 41 -6.62 -0.52 5.00
C CYS A 41 -5.48 -1.54 5.13
N GLN A 42 -4.56 -1.25 6.03
CA GLN A 42 -3.54 -2.21 6.40
C GLN A 42 -4.18 -3.54 6.84
N ASN A 43 -5.45 -3.43 7.22
CA ASN A 43 -6.23 -4.62 7.53
C ASN A 43 -5.96 -5.70 6.48
N GLN A 44 -5.91 -5.26 5.23
CA GLN A 44 -5.74 -6.19 4.12
C GLN A 44 -4.32 -6.07 3.56
N GLU A 45 -3.95 -4.84 3.23
CA GLU A 45 -2.66 -4.59 2.61
C GLU A 45 -1.53 -5.06 3.53
N PHE A 46 -0.46 -5.52 2.91
CA PHE A 46 0.67 -6.06 3.65
C PHE A 46 1.52 -4.94 4.25
N GLU A 47 1.01 -3.72 4.13
CA GLU A 47 1.48 -2.63 4.95
C GLU A 47 2.01 -3.16 6.29
N SER A 48 3.31 -2.97 6.50
CA SER A 48 3.93 -3.37 7.75
C SER A 48 5.24 -2.61 7.94
N ALA A 49 5.18 -1.32 7.67
CA ALA A 49 6.38 -0.50 7.70
C ALA A 49 6.79 -0.26 9.16
N ALA A 50 5.80 0.08 9.97
CA ALA A 50 6.05 0.44 11.36
C ALA A 50 5.85 -0.80 12.24
N GLY A 51 5.46 -1.88 11.60
CA GLY A 51 5.26 -3.13 12.32
C GLY A 51 4.10 -3.03 13.30
N SER A 52 3.30 -1.98 13.12
CA SER A 52 2.28 -1.64 14.09
C SER A 52 1.01 -1.18 13.38
N THR A 53 1.19 -0.27 12.44
CA THR A 53 0.10 0.11 11.54
C THR A 53 -1.19 0.33 12.34
N THR A 54 -1.05 1.09 13.41
CA THR A 54 -2.20 1.39 14.26
C THR A 54 -2.74 0.12 14.91
N LEU A 55 -3.45 -0.67 14.09
CA LEU A 55 -4.09 -1.87 14.58
C LEU A 55 -3.68 -3.06 13.69
N GLY A 56 -2.37 -3.25 13.59
CA GLY A 56 -1.84 -4.39 12.87
C GLY A 56 -0.38 -4.66 13.27
N PRO A 57 -0.23 -5.37 14.41
CA PRO A 57 1.10 -5.68 14.92
C PRO A 57 1.75 -6.80 14.10
N GLN A 58 2.95 -6.50 13.60
CA GLN A 58 3.65 -7.45 12.75
C GLN A 58 5.10 -7.59 13.22
N ASP A 1 -11.53 -4.86 0.41
CA ASP A 1 -12.72 -5.52 -0.10
C ASP A 1 -13.52 -6.09 1.07
N GLN A 2 -12.80 -6.71 1.99
CA GLN A 2 -13.38 -7.07 3.28
C GLN A 2 -13.42 -5.86 4.21
N ASN A 3 -12.51 -4.93 3.95
CA ASN A 3 -12.57 -3.64 4.61
C ASN A 3 -11.77 -2.62 3.80
N CYS A 4 -12.34 -1.44 3.64
CA CYS A 4 -11.78 -0.44 2.75
C CYS A 4 -11.84 -0.99 1.32
N ASP A 5 -11.50 -0.12 0.38
CA ASP A 5 -11.33 -0.53 -1.00
C ASP A 5 -9.86 -0.39 -1.39
N ILE A 6 -9.16 -1.52 -1.35
CA ILE A 6 -7.80 -1.57 -1.86
C ILE A 6 -7.79 -1.17 -3.34
N GLY A 7 -6.70 -0.53 -3.74
CA GLY A 7 -6.54 -0.12 -5.12
C GLY A 7 -6.92 1.36 -5.30
N ASN A 8 -7.37 1.96 -4.20
CA ASN A 8 -7.83 3.34 -4.24
C ASN A 8 -6.63 4.27 -4.36
N ILE A 9 -5.59 3.96 -3.60
CA ILE A 9 -4.43 4.82 -3.51
C ILE A 9 -3.31 4.28 -4.41
N THR A 10 -3.18 2.96 -4.40
CA THR A 10 -2.03 2.31 -5.00
C THR A 10 -2.06 2.47 -6.52
N SER A 11 -3.25 2.31 -7.08
CA SER A 11 -3.42 2.33 -8.52
C SER A 11 -2.75 3.58 -9.10
N GLN A 12 -3.02 4.71 -8.46
CA GLN A 12 -2.52 5.98 -8.95
C GLN A 12 -1.00 6.01 -8.89
N CYS A 13 -0.48 5.61 -7.73
CA CYS A 13 0.94 5.74 -7.46
C CYS A 13 1.69 4.73 -8.33
N GLN A 14 1.00 3.63 -8.63
CA GLN A 14 1.61 2.56 -9.40
C GLN A 14 1.64 2.93 -10.89
N MET A 15 0.60 3.62 -11.31
CA MET A 15 0.54 4.12 -12.68
C MET A 15 1.55 5.25 -12.90
N GLN A 16 1.63 6.13 -11.91
CA GLN A 16 2.35 7.38 -12.10
C GLN A 16 3.83 7.11 -12.39
N HIS A 17 4.43 6.33 -11.50
CA HIS A 17 5.88 6.19 -11.50
C HIS A 17 6.28 4.89 -10.80
N LYS A 18 6.15 3.80 -11.55
CA LYS A 18 6.26 2.47 -10.95
C LYS A 18 6.22 1.42 -12.06
N ASN A 19 7.40 1.01 -12.49
CA ASN A 19 7.53 0.22 -13.70
C ASN A 19 6.87 -1.15 -13.49
N CYS A 20 7.05 -1.67 -12.28
CA CYS A 20 6.56 -3.00 -11.95
C CYS A 20 5.04 -2.91 -11.79
N GLU A 21 4.59 -1.78 -11.26
CA GLU A 21 3.17 -1.47 -11.26
C GLU A 21 2.41 -2.44 -10.34
N ASP A 22 3.06 -2.76 -9.22
CA ASP A 22 2.47 -3.68 -8.26
C ASP A 22 2.70 -3.15 -6.84
N ALA A 23 1.87 -3.63 -5.93
CA ALA A 23 2.22 -3.60 -4.52
C ALA A 23 3.03 -4.84 -4.17
N ASN A 24 3.55 -4.86 -2.95
CA ASN A 24 4.43 -5.93 -2.52
C ASN A 24 5.32 -6.35 -3.69
N GLY A 25 5.85 -5.36 -4.38
CA GLY A 25 6.67 -5.62 -5.55
C GLY A 25 7.33 -4.33 -6.05
N CYS A 26 8.66 -4.30 -5.95
CA CYS A 26 9.41 -3.11 -6.26
C CYS A 26 8.92 -1.98 -5.35
N ASP A 27 8.82 -2.30 -4.07
CA ASP A 27 8.29 -1.37 -3.10
C ASP A 27 9.32 -0.28 -2.84
N THR A 28 9.34 0.71 -3.72
CA THR A 28 10.22 1.86 -3.55
C THR A 28 9.42 3.15 -3.54
N ILE A 29 8.69 3.38 -4.64
CA ILE A 29 7.98 4.62 -4.82
C ILE A 29 6.57 4.50 -4.21
N ILE A 30 5.94 3.37 -4.50
CA ILE A 30 4.69 3.04 -3.85
C ILE A 30 4.86 3.10 -2.33
N GLU A 31 6.07 2.76 -1.90
CA GLU A 31 6.31 2.47 -0.49
C GLU A 31 5.83 3.64 0.38
N GLU A 32 6.23 4.83 -0.01
CA GLU A 32 5.88 6.03 0.73
C GLU A 32 4.43 6.41 0.46
N CYS A 33 3.99 6.14 -0.77
CA CYS A 33 2.63 6.44 -1.16
C CYS A 33 1.69 5.53 -0.37
N LYS A 34 2.19 4.35 -0.04
CA LYS A 34 1.34 3.26 0.41
C LYS A 34 0.79 3.60 1.80
N THR A 35 1.67 3.49 2.79
CA THR A 35 1.25 3.49 4.18
C THR A 35 0.45 4.76 4.48
N SER A 36 0.76 5.81 3.74
CA SER A 36 0.06 7.08 3.90
C SER A 36 -1.44 6.83 4.09
N MET A 37 -2.03 6.20 3.08
CA MET A 37 -3.46 5.98 3.08
C MET A 37 -3.81 4.57 3.52
N VAL A 38 -2.86 3.67 3.32
CA VAL A 38 -3.11 2.25 3.51
C VAL A 38 -3.13 1.94 5.00
N GLU A 39 -2.78 2.94 5.79
CA GLU A 39 -2.99 2.88 7.23
C GLU A 39 -4.45 2.54 7.53
N ARG A 40 -5.33 2.99 6.65
CA ARG A 40 -6.74 2.68 6.78
C ARG A 40 -7.03 1.26 6.29
N CYS A 41 -6.26 0.85 5.28
CA CYS A 41 -6.44 -0.46 4.69
C CYS A 41 -5.46 -1.44 5.35
N GLN A 42 -5.01 -1.05 6.53
CA GLN A 42 -3.94 -1.78 7.18
C GLN A 42 -4.29 -3.26 7.30
N ASN A 43 -5.57 -3.52 7.54
CA ASN A 43 -6.04 -4.88 7.75
C ASN A 43 -6.04 -5.62 6.40
N GLN A 44 -6.37 -4.88 5.36
CA GLN A 44 -6.59 -5.49 4.06
C GLN A 44 -5.26 -5.67 3.33
N GLU A 45 -4.59 -4.54 3.08
CA GLU A 45 -3.22 -4.58 2.61
C GLU A 45 -2.32 -5.23 3.66
N PHE A 46 -1.07 -5.45 3.27
CA PHE A 46 -0.19 -6.32 4.01
C PHE A 46 0.67 -5.53 5.00
N GLU A 47 0.35 -4.25 5.12
CA GLU A 47 1.11 -3.36 5.98
C GLU A 47 1.21 -3.95 7.39
N SER A 48 0.07 -4.36 7.91
CA SER A 48 0.05 -5.15 9.14
C SER A 48 -1.31 -5.85 9.29
N ALA A 49 -1.56 -6.79 8.38
CA ALA A 49 -2.86 -7.43 8.31
C ALA A 49 -3.14 -8.16 9.62
N ALA A 50 -2.13 -8.87 10.09
CA ALA A 50 -2.31 -9.77 11.22
C ALA A 50 -2.44 -8.94 12.50
N GLY A 51 -1.91 -7.73 12.44
CA GLY A 51 -1.97 -6.82 13.59
C GLY A 51 -3.37 -6.26 13.76
N SER A 52 -3.98 -5.89 12.65
CA SER A 52 -5.26 -5.21 12.69
C SER A 52 -6.40 -6.24 12.74
N THR A 53 -6.10 -7.43 12.22
CA THR A 53 -7.08 -8.51 12.23
C THR A 53 -7.58 -8.77 13.64
N THR A 54 -8.91 -8.77 13.77
CA THR A 54 -9.53 -8.90 15.08
C THR A 54 -8.75 -8.10 16.12
N LEU A 55 -8.44 -6.86 15.76
CA LEU A 55 -8.00 -5.89 16.75
C LEU A 55 -9.21 -5.20 17.36
N GLY A 56 -10.20 -4.94 16.51
CA GLY A 56 -11.41 -4.26 16.95
C GLY A 56 -12.19 -3.70 15.76
N PRO A 57 -11.57 -2.70 15.08
CA PRO A 57 -12.13 -2.15 13.86
C PRO A 57 -11.94 -3.11 12.69
N GLN A 58 -10.71 -3.57 12.54
CA GLN A 58 -10.37 -4.47 11.45
C GLN A 58 -11.20 -4.14 10.22
N ASP A 1 -12.75 -9.80 5.85
CA ASP A 1 -13.52 -9.04 6.82
C ASP A 1 -14.52 -8.15 6.07
N GLN A 2 -14.59 -8.35 4.76
CA GLN A 2 -15.47 -7.56 3.93
C GLN A 2 -15.19 -6.06 4.13
N ASN A 3 -14.13 -5.61 3.48
CA ASN A 3 -13.42 -4.42 3.96
C ASN A 3 -12.77 -3.72 2.78
N CYS A 4 -12.19 -2.56 3.07
CA CYS A 4 -11.50 -1.80 2.05
C CYS A 4 -10.43 -2.68 1.42
N ASP A 5 -10.21 -2.47 0.13
CA ASP A 5 -9.58 -3.48 -0.70
C ASP A 5 -8.28 -2.91 -1.29
N ILE A 6 -7.55 -2.21 -0.45
CA ILE A 6 -6.43 -1.41 -0.93
C ILE A 6 -6.79 -0.76 -2.27
N GLY A 7 -5.76 -0.40 -3.01
CA GLY A 7 -5.90 -0.24 -4.45
C GLY A 7 -6.36 1.19 -4.79
N ASN A 8 -6.55 1.98 -3.75
CA ASN A 8 -7.35 3.19 -3.87
C ASN A 8 -6.44 4.35 -4.24
N ILE A 9 -5.42 4.57 -3.42
CA ILE A 9 -4.45 5.62 -3.68
C ILE A 9 -3.46 5.13 -4.74
N THR A 10 -3.23 3.83 -4.73
CA THR A 10 -2.09 3.28 -5.46
C THR A 10 -2.31 3.38 -6.96
N SER A 11 -3.57 3.49 -7.34
CA SER A 11 -3.92 3.74 -8.73
C SER A 11 -3.08 4.90 -9.27
N GLN A 12 -2.85 5.88 -8.42
CA GLN A 12 -2.08 7.04 -8.81
C GLN A 12 -0.59 6.72 -8.83
N CYS A 13 -0.15 5.98 -7.82
CA CYS A 13 1.27 5.81 -7.57
C CYS A 13 1.81 4.82 -8.61
N GLN A 14 0.97 3.86 -8.96
CA GLN A 14 1.44 2.66 -9.65
C GLN A 14 1.76 2.99 -11.11
N MET A 15 0.97 3.88 -11.67
CA MET A 15 1.08 4.20 -13.09
C MET A 15 2.12 5.29 -13.32
N GLN A 16 2.36 6.06 -12.28
CA GLN A 16 3.12 7.31 -12.42
C GLN A 16 4.61 7.02 -12.42
N HIS A 17 5.08 6.49 -11.30
CA HIS A 17 6.51 6.51 -11.01
C HIS A 17 6.94 5.14 -10.46
N LYS A 18 6.40 4.10 -11.08
CA LYS A 18 6.40 2.78 -10.47
C LYS A 18 6.28 1.71 -11.56
N ASN A 19 7.42 1.39 -12.15
CA ASN A 19 7.49 0.25 -13.05
C ASN A 19 6.99 -1.00 -12.32
N CYS A 20 6.64 -2.01 -13.11
CA CYS A 20 6.19 -3.28 -12.56
C CYS A 20 4.72 -3.13 -12.16
N GLU A 21 4.44 -2.05 -11.44
CA GLU A 21 3.06 -1.59 -11.30
C GLU A 21 2.31 -2.47 -10.30
N ASP A 22 3.01 -2.84 -9.23
CA ASP A 22 2.46 -3.78 -8.27
C ASP A 22 2.89 -3.37 -6.86
N ALA A 23 2.07 -3.75 -5.90
CA ALA A 23 2.45 -3.62 -4.50
C ALA A 23 3.36 -4.79 -4.11
N ASN A 24 3.16 -5.90 -4.80
CA ASN A 24 3.75 -7.16 -4.38
C ASN A 24 4.93 -7.49 -5.31
N GLY A 25 5.65 -6.45 -5.70
CA GLY A 25 6.77 -6.61 -6.59
C GLY A 25 7.87 -5.59 -6.29
N CYS A 26 7.94 -4.57 -7.16
CA CYS A 26 9.11 -3.71 -7.19
C CYS A 26 9.02 -2.73 -6.03
N ASP A 27 7.79 -2.25 -5.78
CA ASP A 27 7.41 -1.84 -4.45
C ASP A 27 8.55 -1.04 -3.81
N THR A 28 8.65 0.21 -4.23
CA THR A 28 9.65 1.11 -3.68
C THR A 28 9.01 2.43 -3.26
N ILE A 29 8.48 3.13 -4.26
CA ILE A 29 7.83 4.40 -4.03
C ILE A 29 6.43 4.15 -3.45
N ILE A 30 5.90 2.97 -3.74
CA ILE A 30 4.54 2.65 -3.35
C ILE A 30 4.46 2.51 -1.83
N GLU A 31 5.63 2.36 -1.22
CA GLU A 31 5.70 2.12 0.21
C GLU A 31 4.89 3.18 0.97
N GLU A 32 5.32 4.42 0.84
CA GLU A 32 4.74 5.50 1.60
C GLU A 32 3.58 6.13 0.83
N CYS A 33 3.58 5.91 -0.48
CA CYS A 33 2.49 6.37 -1.32
C CYS A 33 1.25 5.55 -0.99
N LYS A 34 1.49 4.31 -0.58
CA LYS A 34 0.41 3.46 -0.11
C LYS A 34 0.09 3.81 1.35
N THR A 35 1.08 3.56 2.20
CA THR A 35 0.82 3.47 3.63
C THR A 35 0.15 4.76 4.14
N SER A 36 0.50 5.85 3.48
CA SER A 36 -0.02 7.15 3.90
C SER A 36 -1.52 7.07 4.12
N MET A 37 -2.25 6.86 3.03
CA MET A 37 -3.69 6.98 3.05
C MET A 37 -4.36 5.61 3.19
N VAL A 38 -3.53 4.58 3.12
CA VAL A 38 -4.01 3.21 3.25
C VAL A 38 -3.82 2.74 4.69
N GLU A 39 -3.28 3.63 5.51
CA GLU A 39 -2.99 3.31 6.89
C GLU A 39 -4.25 2.79 7.59
N ARG A 40 -5.34 3.51 7.37
CA ARG A 40 -6.61 3.15 7.98
C ARG A 40 -7.08 1.78 7.47
N CYS A 41 -6.54 1.40 6.33
CA CYS A 41 -6.99 0.18 5.67
C CYS A 41 -5.85 -0.84 5.76
N GLN A 42 -4.97 -0.63 6.73
CA GLN A 42 -3.87 -1.54 6.95
C GLN A 42 -4.40 -2.96 7.17
N ASN A 43 -5.63 -3.03 7.64
CA ASN A 43 -6.31 -4.31 7.76
C ASN A 43 -5.97 -5.19 6.55
N GLN A 44 -6.09 -4.60 5.38
CA GLN A 44 -5.96 -5.34 4.14
C GLN A 44 -4.50 -5.36 3.67
N GLU A 45 -3.88 -4.20 3.74
CA GLU A 45 -2.60 -3.98 3.08
C GLU A 45 -1.50 -4.76 3.83
N PHE A 46 -1.74 -4.96 5.12
CA PHE A 46 -0.77 -5.65 5.95
C PHE A 46 0.64 -5.08 5.75
N GLU A 47 0.81 -3.85 6.21
CA GLU A 47 2.08 -3.16 6.05
C GLU A 47 3.10 -3.72 7.05
N SER A 48 3.49 -4.97 6.81
CA SER A 48 4.36 -5.66 7.75
C SER A 48 3.80 -5.59 9.16
N ALA A 49 2.47 -5.64 9.24
CA ALA A 49 1.79 -5.45 10.50
C ALA A 49 0.35 -5.92 10.37
N ALA A 50 -0.25 -6.24 11.52
CA ALA A 50 -1.53 -6.94 11.53
C ALA A 50 -2.65 -5.93 11.29
N GLY A 51 -2.50 -4.76 11.90
CA GLY A 51 -3.52 -3.74 11.83
C GLY A 51 -3.02 -2.41 12.39
N SER A 52 -3.75 -1.35 12.06
CA SER A 52 -3.38 -0.03 12.53
C SER A 52 -3.60 0.08 14.04
N THR A 53 -2.59 0.61 14.71
CA THR A 53 -2.61 0.65 16.17
C THR A 53 -2.57 -0.77 16.74
N THR A 54 -2.15 -0.86 17.98
CA THR A 54 -1.89 -2.15 18.61
C THR A 54 -3.19 -2.97 18.66
N LEU A 55 -4.19 -2.40 19.32
CA LEU A 55 -5.51 -2.99 19.33
C LEU A 55 -6.24 -2.63 18.03
N GLY A 56 -5.76 -3.21 16.94
CA GLY A 56 -6.32 -2.90 15.63
C GLY A 56 -7.51 -3.80 15.32
N PRO A 57 -7.99 -3.71 14.05
CA PRO A 57 -9.01 -4.62 13.56
C PRO A 57 -8.43 -6.00 13.28
N GLN A 58 -7.33 -6.01 12.53
CA GLN A 58 -6.85 -7.24 11.92
C GLN A 58 -7.99 -8.25 11.77
N ASP A 1 -10.51 -9.71 5.12
CA ASP A 1 -9.54 -8.83 4.49
C ASP A 1 -10.26 -7.78 3.65
N GLN A 2 -11.59 -7.81 3.75
CA GLN A 2 -12.41 -6.81 3.08
C GLN A 2 -12.40 -5.50 3.87
N ASN A 3 -12.07 -4.43 3.17
CA ASN A 3 -12.14 -3.10 3.74
C ASN A 3 -11.89 -2.06 2.65
N CYS A 4 -10.81 -2.27 1.91
CA CYS A 4 -10.33 -1.27 0.98
C CYS A 4 -9.35 -1.94 0.01
N ASP A 5 -9.42 -1.52 -1.24
CA ASP A 5 -9.09 -2.40 -2.35
C ASP A 5 -7.61 -2.19 -2.73
N ILE A 6 -6.81 -1.90 -1.71
CA ILE A 6 -5.38 -1.70 -1.92
C ILE A 6 -5.17 -0.86 -3.18
N GLY A 7 -6.10 0.03 -3.43
CA GLY A 7 -6.15 0.74 -4.69
C GLY A 7 -6.91 2.07 -4.55
N ASN A 8 -6.82 2.65 -3.36
CA ASN A 8 -7.51 3.89 -3.08
C ASN A 8 -6.55 5.07 -3.27
N ILE A 9 -5.32 4.86 -2.83
CA ILE A 9 -4.26 5.83 -3.07
C ILE A 9 -3.28 5.26 -4.10
N THR A 10 -3.00 3.97 -3.95
CA THR A 10 -1.88 3.37 -4.64
C THR A 10 -2.10 3.40 -6.16
N SER A 11 -3.34 3.13 -6.54
CA SER A 11 -3.66 2.90 -7.94
C SER A 11 -3.13 4.07 -8.79
N GLN A 12 -3.21 5.26 -8.21
CA GLN A 12 -2.79 6.46 -8.90
C GLN A 12 -1.27 6.46 -9.07
N CYS A 13 -0.58 6.08 -8.01
CA CYS A 13 0.86 6.22 -7.96
C CYS A 13 1.49 5.03 -8.69
N GLN A 14 0.71 3.96 -8.77
CA GLN A 14 1.18 2.74 -9.40
C GLN A 14 1.45 2.98 -10.89
N MET A 15 0.65 3.86 -11.47
CA MET A 15 0.75 4.16 -12.88
C MET A 15 1.72 5.32 -13.13
N GLN A 16 2.17 5.93 -12.04
CA GLN A 16 2.91 7.17 -12.12
C GLN A 16 4.40 6.88 -12.32
N HIS A 17 4.91 6.00 -11.47
CA HIS A 17 6.35 5.85 -11.34
C HIS A 17 6.68 4.43 -10.84
N LYS A 18 5.89 3.49 -11.31
CA LYS A 18 5.84 2.17 -10.69
C LYS A 18 5.80 1.09 -11.76
N ASN A 19 6.98 0.54 -12.05
CA ASN A 19 7.06 -0.70 -12.79
C ASN A 19 6.29 -1.79 -12.03
N CYS A 20 5.76 -2.73 -12.79
CA CYS A 20 5.09 -3.89 -12.20
C CYS A 20 3.65 -3.50 -11.90
N GLU A 21 3.48 -2.27 -11.41
CA GLU A 21 2.17 -1.66 -11.36
C GLU A 21 1.26 -2.42 -10.39
N ASP A 22 1.82 -2.73 -9.23
CA ASP A 22 1.14 -3.58 -8.27
C ASP A 22 1.80 -3.44 -6.90
N ALA A 23 1.10 -3.93 -5.89
CA ALA A 23 1.63 -3.91 -4.53
C ALA A 23 1.76 -5.34 -4.03
N ASN A 24 2.95 -5.90 -4.22
CA ASN A 24 3.30 -7.16 -3.58
C ASN A 24 4.76 -7.11 -3.12
N GLY A 25 5.63 -6.81 -4.08
CA GLY A 25 7.05 -6.73 -3.80
C GLY A 25 7.77 -5.89 -4.84
N CYS A 26 7.21 -4.71 -5.11
CA CYS A 26 7.89 -3.72 -5.91
C CYS A 26 8.15 -2.48 -5.05
N ASP A 27 7.84 -2.64 -3.77
CA ASP A 27 7.66 -1.48 -2.91
C ASP A 27 8.96 -0.67 -2.87
N THR A 28 8.84 0.59 -3.32
CA THR A 28 9.91 1.56 -3.10
C THR A 28 9.33 2.97 -3.07
N ILE A 29 8.85 3.39 -4.23
CA ILE A 29 8.38 4.76 -4.39
C ILE A 29 6.91 4.84 -3.99
N ILE A 30 6.25 3.68 -4.04
CA ILE A 30 4.86 3.60 -3.61
C ILE A 30 4.77 3.85 -2.11
N GLU A 31 5.88 3.59 -1.44
CA GLU A 31 5.88 3.49 0.01
C GLU A 31 5.29 4.77 0.63
N GLU A 32 5.61 5.88 -0.01
CA GLU A 32 5.15 7.17 0.48
C GLU A 32 3.66 7.37 0.18
N CYS A 33 3.29 6.98 -1.04
CA CYS A 33 1.89 7.02 -1.43
C CYS A 33 1.11 6.06 -0.54
N LYS A 34 1.78 4.99 -0.15
CA LYS A 34 1.09 3.81 0.31
C LYS A 34 0.62 4.02 1.75
N THR A 35 1.58 3.92 2.67
CA THR A 35 1.25 3.78 4.07
C THR A 35 0.35 4.93 4.53
N SER A 36 0.55 6.08 3.91
CA SER A 36 -0.20 7.27 4.29
C SER A 36 -1.68 6.92 4.50
N MET A 37 -2.29 6.41 3.44
CA MET A 37 -3.71 6.13 3.47
C MET A 37 -3.97 4.65 3.76
N VAL A 38 -3.00 3.83 3.37
CA VAL A 38 -3.17 2.39 3.46
C VAL A 38 -3.03 1.95 4.92
N GLU A 39 -2.73 2.92 5.76
CA GLU A 39 -3.00 2.79 7.19
C GLU A 39 -4.34 2.09 7.42
N ARG A 40 -5.36 2.58 6.72
CA ARG A 40 -6.72 2.16 6.97
C ARG A 40 -7.06 0.95 6.10
N CYS A 41 -6.26 0.75 5.08
CA CYS A 41 -6.42 -0.41 4.21
C CYS A 41 -5.48 -1.51 4.68
N GLN A 42 -4.82 -1.24 5.80
CA GLN A 42 -3.81 -2.15 6.32
C GLN A 42 -4.39 -3.56 6.43
N ASN A 43 -5.67 -3.62 6.76
CA ASN A 43 -6.30 -4.88 7.10
C ASN A 43 -6.29 -5.79 5.87
N GLN A 44 -6.29 -5.16 4.71
CA GLN A 44 -6.12 -5.89 3.46
C GLN A 44 -4.64 -6.01 3.11
N GLU A 45 -3.94 -4.89 3.25
CA GLU A 45 -2.53 -4.83 2.89
C GLU A 45 -1.70 -5.67 3.89
N PHE A 46 -0.40 -5.71 3.63
CA PHE A 46 0.52 -6.34 4.56
C PHE A 46 1.43 -5.31 5.23
N GLU A 47 0.85 -4.15 5.52
CA GLU A 47 1.64 -2.99 5.90
C GLU A 47 2.42 -3.29 7.19
N SER A 48 1.83 -4.15 8.01
CA SER A 48 2.49 -4.59 9.22
C SER A 48 2.85 -3.39 10.10
N ALA A 49 1.84 -2.57 10.36
CA ALA A 49 2.02 -1.40 11.20
C ALA A 49 0.73 -1.12 11.98
N ALA A 50 0.91 -0.64 13.20
CA ALA A 50 -0.23 -0.29 14.04
C ALA A 50 -0.64 1.15 13.76
N GLY A 51 -1.87 1.47 14.13
CA GLY A 51 -2.42 2.80 13.87
C GLY A 51 -3.79 2.71 13.21
N SER A 52 -4.02 1.56 12.56
CA SER A 52 -5.29 1.34 11.90
C SER A 52 -6.44 1.45 12.92
N THR A 53 -7.19 2.54 12.81
CA THR A 53 -8.27 2.80 13.73
C THR A 53 -9.53 3.22 12.97
N THR A 54 -10.67 2.94 13.59
CA THR A 54 -11.95 3.34 13.02
C THR A 54 -12.11 2.77 11.61
N LEU A 55 -12.34 1.46 11.57
CA LEU A 55 -12.38 0.75 10.29
C LEU A 55 -13.47 -0.32 10.35
N GLY A 56 -14.11 -0.52 9.20
CA GLY A 56 -15.05 -1.62 9.05
C GLY A 56 -14.80 -2.36 7.72
N PRO A 57 -15.72 -3.32 7.44
CA PRO A 57 -15.67 -4.03 6.16
C PRO A 57 -16.20 -3.13 5.03
N GLN A 58 -17.19 -2.33 5.37
CA GLN A 58 -18.04 -1.74 4.35
C GLN A 58 -17.96 -2.53 3.05
N ASP A 1 -12.52 -6.50 -1.44
CA ASP A 1 -11.96 -6.08 -0.17
C ASP A 1 -12.98 -6.35 0.95
N GLN A 2 -12.51 -6.20 2.18
CA GLN A 2 -13.40 -6.21 3.32
C GLN A 2 -12.94 -5.19 4.36
N ASN A 3 -12.71 -3.97 3.89
CA ASN A 3 -12.22 -2.91 4.76
C ASN A 3 -12.38 -1.57 4.05
N CYS A 4 -11.86 -1.51 2.84
CA CYS A 4 -11.76 -0.26 2.11
C CYS A 4 -11.94 -0.54 0.62
N ASP A 5 -10.89 -1.09 0.03
CA ASP A 5 -10.73 -1.00 -1.41
C ASP A 5 -9.38 -1.63 -1.80
N ILE A 6 -8.37 -1.33 -0.99
CA ILE A 6 -7.02 -1.78 -1.30
C ILE A 6 -6.78 -1.69 -2.80
N GLY A 7 -6.43 -0.50 -3.26
CA GLY A 7 -6.24 -0.27 -4.68
C GLY A 7 -6.48 1.20 -5.02
N ASN A 8 -7.37 1.81 -4.25
CA ASN A 8 -7.93 3.10 -4.64
C ASN A 8 -6.82 4.16 -4.66
N ILE A 9 -5.85 3.96 -3.78
CA ILE A 9 -4.82 4.96 -3.57
C ILE A 9 -3.63 4.66 -4.47
N THR A 10 -3.35 3.37 -4.62
CA THR A 10 -2.16 2.95 -5.33
C THR A 10 -2.31 3.21 -6.84
N SER A 11 -3.54 3.06 -7.30
CA SER A 11 -3.80 3.06 -8.73
C SER A 11 -3.03 4.20 -9.40
N GLN A 12 -3.10 5.37 -8.78
CA GLN A 12 -2.48 6.55 -9.33
C GLN A 12 -0.97 6.44 -9.25
N CYS A 13 -0.50 5.83 -8.16
CA CYS A 13 0.92 5.78 -7.88
C CYS A 13 1.56 4.77 -8.83
N GLN A 14 0.78 3.76 -9.19
CA GLN A 14 1.29 2.69 -10.03
C GLN A 14 1.68 3.23 -11.40
N MET A 15 0.87 4.16 -11.89
CA MET A 15 1.09 4.70 -13.23
C MET A 15 2.15 5.80 -13.22
N GLN A 16 2.44 6.28 -12.02
CA GLN A 16 3.22 7.50 -11.87
C GLN A 16 4.70 7.21 -12.16
N HIS A 17 5.20 6.15 -11.54
CA HIS A 17 6.63 5.93 -11.47
C HIS A 17 6.91 4.49 -11.05
N LYS A 18 6.06 3.59 -11.51
CA LYS A 18 6.02 2.24 -10.97
C LYS A 18 6.03 1.24 -12.12
N ASN A 19 7.24 0.81 -12.49
CA ASN A 19 7.40 -0.03 -13.66
C ASN A 19 6.73 -1.38 -13.41
N CYS A 20 6.78 -1.81 -12.16
CA CYS A 20 6.22 -3.09 -11.78
C CYS A 20 4.69 -2.98 -11.82
N GLU A 21 4.21 -1.82 -11.41
CA GLU A 21 2.79 -1.53 -11.50
C GLU A 21 1.99 -2.47 -10.60
N ASP A 22 2.51 -2.68 -9.40
CA ASP A 22 1.79 -3.43 -8.38
C ASP A 22 2.14 -2.88 -7.00
N ALA A 23 1.33 -3.26 -6.02
CA ALA A 23 1.75 -3.22 -4.64
C ALA A 23 2.33 -4.57 -4.23
N ASN A 24 2.78 -4.63 -2.98
CA ASN A 24 3.24 -5.89 -2.43
C ASN A 24 4.48 -6.36 -3.18
N GLY A 25 5.14 -5.41 -3.83
CA GLY A 25 6.37 -5.71 -4.54
C GLY A 25 7.00 -4.42 -5.08
N CYS A 26 8.30 -4.52 -5.35
CA CYS A 26 9.05 -3.36 -5.82
C CYS A 26 8.75 -2.18 -4.89
N ASP A 27 8.64 -2.50 -3.60
CA ASP A 27 8.00 -1.62 -2.66
C ASP A 27 8.97 -0.51 -2.25
N THR A 28 9.24 0.38 -3.19
CA THR A 28 10.17 1.47 -2.94
C THR A 28 9.46 2.82 -3.05
N ILE A 29 8.94 3.08 -4.23
CA ILE A 29 8.40 4.40 -4.54
C ILE A 29 6.93 4.45 -4.17
N ILE A 30 6.29 3.29 -4.26
CA ILE A 30 4.93 3.16 -3.78
C ILE A 30 4.91 3.31 -2.25
N GLU A 31 6.04 2.98 -1.64
CA GLU A 31 6.07 2.73 -0.20
C GLU A 31 5.50 3.93 0.54
N GLU A 32 5.93 5.12 0.12
CA GLU A 32 5.48 6.35 0.76
C GLU A 32 4.06 6.69 0.30
N CYS A 33 3.77 6.35 -0.95
CA CYS A 33 2.45 6.59 -1.50
C CYS A 33 1.45 5.68 -0.78
N LYS A 34 1.95 4.54 -0.35
CA LYS A 34 1.07 3.45 0.05
C LYS A 34 0.50 3.75 1.44
N THR A 35 1.38 3.73 2.42
CA THR A 35 0.96 3.70 3.81
C THR A 35 0.11 4.94 4.14
N SER A 36 0.26 5.96 3.30
CA SER A 36 -0.58 7.14 3.40
C SER A 36 -2.00 6.75 3.81
N MET A 37 -2.70 6.15 2.86
CA MET A 37 -4.09 5.78 3.08
C MET A 37 -4.20 4.35 3.61
N VAL A 38 -3.16 3.56 3.32
CA VAL A 38 -3.25 2.13 3.49
C VAL A 38 -3.06 1.78 4.98
N GLU A 39 -2.73 2.80 5.76
CA GLU A 39 -2.61 2.64 7.19
C GLU A 39 -3.91 2.08 7.77
N ARG A 40 -5.02 2.51 7.18
CA ARG A 40 -6.33 2.08 7.64
C ARG A 40 -6.74 0.80 6.91
N CYS A 41 -5.99 0.49 5.86
CA CYS A 41 -6.20 -0.76 5.14
C CYS A 41 -5.10 -1.74 5.57
N GLN A 42 -4.49 -1.43 6.69
CA GLN A 42 -3.32 -2.18 7.13
C GLN A 42 -3.62 -3.67 7.17
N ASN A 43 -4.86 -3.99 7.51
CA ASN A 43 -5.31 -5.37 7.53
C ASN A 43 -5.12 -5.98 6.14
N GLN A 44 -5.61 -5.28 5.14
CA GLN A 44 -5.84 -5.87 3.84
C GLN A 44 -4.51 -5.99 3.08
N GLU A 45 -3.75 -4.91 3.09
CA GLU A 45 -2.49 -4.87 2.38
C GLU A 45 -1.36 -5.35 3.29
N PHE A 46 -1.75 -5.97 4.39
CA PHE A 46 -0.79 -6.39 5.39
C PHE A 46 0.39 -5.43 5.46
N GLU A 47 0.07 -4.15 5.65
CA GLU A 47 1.09 -3.12 5.69
C GLU A 47 2.01 -3.32 6.89
N SER A 48 1.49 -4.02 7.89
CA SER A 48 2.25 -4.28 9.10
C SER A 48 3.43 -5.21 8.79
N ALA A 49 3.26 -5.99 7.72
CA ALA A 49 4.35 -6.79 7.21
C ALA A 49 5.11 -6.00 6.16
N ALA A 50 4.38 -5.48 5.19
CA ALA A 50 4.98 -4.78 4.07
C ALA A 50 5.23 -3.32 4.46
N GLY A 51 6.28 -3.12 5.23
CA GLY A 51 6.70 -1.77 5.58
C GLY A 51 6.25 -1.40 7.00
N SER A 52 6.05 -2.44 7.80
CA SER A 52 5.87 -2.25 9.23
C SER A 52 4.61 -1.42 9.49
N THR A 53 4.13 -1.51 10.73
CA THR A 53 2.88 -0.88 11.09
C THR A 53 2.94 0.63 10.83
N THR A 54 3.98 1.24 11.37
CA THR A 54 4.32 2.61 10.99
C THR A 54 3.25 3.58 11.47
N LEU A 55 3.62 4.86 11.51
CA LEU A 55 2.64 5.92 11.70
C LEU A 55 2.78 6.94 10.57
N GLY A 56 2.05 6.71 9.50
CA GLY A 56 2.08 7.61 8.36
C GLY A 56 1.19 8.83 8.61
N PRO A 57 -0.15 8.60 8.57
CA PRO A 57 -1.10 9.69 8.49
C PRO A 57 -1.23 10.39 9.85
N GLN A 58 -0.30 11.31 10.09
CA GLN A 58 -0.46 12.26 11.18
C GLN A 58 -1.33 13.43 10.74
N ASP A 1 -8.77 -8.84 2.59
CA ASP A 1 -9.72 -9.64 3.34
C ASP A 1 -11.14 -9.25 2.93
N GLN A 2 -11.23 -8.52 1.82
CA GLN A 2 -12.51 -8.04 1.34
C GLN A 2 -13.22 -7.21 2.42
N ASN A 3 -12.83 -5.95 2.50
CA ASN A 3 -13.41 -5.05 3.48
C ASN A 3 -13.32 -3.61 2.97
N CYS A 4 -12.12 -3.23 2.58
CA CYS A 4 -11.91 -1.94 1.96
C CYS A 4 -11.07 -2.14 0.70
N ASP A 5 -11.27 -1.24 -0.26
CA ASP A 5 -10.48 -1.27 -1.49
C ASP A 5 -9.12 -0.65 -1.23
N ILE A 6 -8.10 -1.51 -1.18
CA ILE A 6 -6.74 -1.05 -1.05
C ILE A 6 -6.42 -0.07 -2.17
N GLY A 7 -6.99 -0.34 -3.34
CA GLY A 7 -6.63 0.38 -4.54
C GLY A 7 -7.42 1.69 -4.66
N ASN A 8 -7.34 2.49 -3.60
CA ASN A 8 -7.91 3.83 -3.63
C ASN A 8 -6.83 4.83 -4.03
N ILE A 9 -5.65 4.64 -3.45
CA ILE A 9 -4.58 5.60 -3.59
C ILE A 9 -3.50 5.03 -4.51
N THR A 10 -3.23 3.74 -4.31
CA THR A 10 -2.15 3.09 -5.03
C THR A 10 -2.49 2.93 -6.51
N SER A 11 -3.80 2.95 -6.79
CA SER A 11 -4.26 2.95 -8.16
C SER A 11 -3.50 3.99 -8.98
N GLN A 12 -3.26 5.14 -8.36
CA GLN A 12 -2.57 6.22 -9.03
C GLN A 12 -1.06 6.00 -9.01
N CYS A 13 -0.55 5.75 -7.81
CA CYS A 13 0.88 5.78 -7.59
C CYS A 13 1.53 4.64 -8.40
N GLN A 14 0.79 3.55 -8.49
CA GLN A 14 1.29 2.36 -9.19
C GLN A 14 1.64 2.71 -10.63
N MET A 15 0.82 3.57 -11.22
CA MET A 15 0.99 3.94 -12.61
C MET A 15 1.99 5.09 -12.76
N GLN A 16 1.91 6.03 -11.83
CA GLN A 16 2.66 7.26 -11.94
C GLN A 16 4.17 6.97 -11.83
N HIS A 17 4.51 6.19 -10.82
CA HIS A 17 5.92 6.00 -10.47
C HIS A 17 6.09 4.63 -9.83
N LYS A 18 5.90 3.60 -10.63
CA LYS A 18 6.01 2.23 -10.14
C LYS A 18 6.13 1.27 -11.33
N ASN A 19 5.17 1.39 -12.24
CA ASN A 19 5.37 0.92 -13.60
C ASN A 19 5.05 -0.58 -13.66
N CYS A 20 5.72 -1.34 -12.83
CA CYS A 20 5.54 -2.77 -12.79
C CYS A 20 4.14 -3.06 -12.22
N GLU A 21 3.63 -2.09 -11.48
CA GLU A 21 2.25 -2.13 -11.05
C GLU A 21 2.04 -3.26 -10.04
N ASP A 22 2.96 -3.33 -9.10
CA ASP A 22 2.91 -4.38 -8.08
C ASP A 22 3.41 -3.81 -6.75
N ALA A 23 2.63 -4.04 -5.71
CA ALA A 23 2.88 -3.41 -4.42
C ALA A 23 4.18 -3.97 -3.83
N ASN A 24 4.22 -5.29 -3.74
CA ASN A 24 5.29 -5.96 -3.02
C ASN A 24 6.46 -6.19 -3.97
N GLY A 25 6.14 -6.33 -5.25
CA GLY A 25 7.07 -6.89 -6.21
C GLY A 25 8.28 -5.97 -6.39
N CYS A 26 8.00 -4.68 -6.51
CA CYS A 26 9.03 -3.72 -6.86
C CYS A 26 9.14 -2.71 -5.71
N ASP A 27 8.67 -3.14 -4.54
CA ASP A 27 8.34 -2.20 -3.48
C ASP A 27 9.54 -1.27 -3.24
N THR A 28 9.34 -0.01 -3.58
CA THR A 28 10.35 1.01 -3.31
C THR A 28 9.69 2.37 -3.08
N ILE A 29 8.96 2.81 -4.09
CA ILE A 29 8.32 4.11 -4.05
C ILE A 29 7.00 4.01 -3.28
N ILE A 30 6.31 2.90 -3.50
CA ILE A 30 4.98 2.73 -2.95
C ILE A 30 5.06 2.63 -1.43
N GLU A 31 6.28 2.42 -0.96
CA GLU A 31 6.55 2.50 0.47
C GLU A 31 5.99 3.80 1.05
N GLU A 32 6.22 4.88 0.31
CA GLU A 32 5.80 6.20 0.78
C GLU A 32 4.31 6.42 0.48
N CYS A 33 3.93 6.09 -0.75
CA CYS A 33 2.61 6.45 -1.23
C CYS A 33 1.57 5.64 -0.45
N LYS A 34 1.91 4.38 -0.21
CA LYS A 34 0.94 3.44 0.35
C LYS A 34 0.59 3.87 1.77
N THR A 35 1.57 3.74 2.66
CA THR A 35 1.28 3.76 4.09
C THR A 35 0.50 5.02 4.45
N SER A 36 0.77 6.08 3.72
CA SER A 36 0.09 7.35 3.95
C SER A 36 -1.41 7.13 4.07
N MET A 37 -2.03 6.79 2.94
CA MET A 37 -3.47 6.87 2.82
C MET A 37 -4.10 5.47 2.92
N VAL A 38 -3.23 4.47 2.91
CA VAL A 38 -3.69 3.10 2.97
C VAL A 38 -3.78 2.64 4.43
N GLU A 39 -3.34 3.53 5.31
CA GLU A 39 -3.39 3.24 6.74
C GLU A 39 -4.80 2.82 7.16
N ARG A 40 -5.78 3.45 6.51
CA ARG A 40 -7.16 3.08 6.73
C ARG A 40 -7.40 1.62 6.31
N CYS A 41 -6.79 1.25 5.20
CA CYS A 41 -7.04 -0.04 4.60
C CYS A 41 -5.94 -1.00 5.04
N GLN A 42 -5.31 -0.66 6.15
CA GLN A 42 -4.19 -1.45 6.65
C GLN A 42 -4.62 -2.92 6.83
N ASN A 43 -5.90 -3.09 7.14
CA ASN A 43 -6.43 -4.43 7.33
C ASN A 43 -6.11 -5.29 6.11
N GLN A 44 -6.14 -4.64 4.95
CA GLN A 44 -5.81 -5.33 3.71
C GLN A 44 -4.30 -5.29 3.47
N GLU A 45 -3.73 -4.10 3.62
CA GLU A 45 -2.39 -3.85 3.14
C GLU A 45 -1.37 -4.72 3.89
N PHE A 46 -0.26 -5.00 3.22
CA PHE A 46 0.67 -5.98 3.72
C PHE A 46 1.68 -5.35 4.68
N GLU A 47 1.19 -4.42 5.48
CA GLU A 47 2.02 -3.35 6.01
C GLU A 47 3.31 -3.93 6.59
N SER A 48 4.43 -3.48 6.04
CA SER A 48 5.72 -3.76 6.64
C SER A 48 6.73 -2.67 6.25
N ALA A 49 6.86 -2.46 4.95
CA ALA A 49 7.53 -1.28 4.45
C ALA A 49 6.68 -0.04 4.75
N ALA A 50 6.75 0.40 6.00
CA ALA A 50 5.99 1.55 6.43
C ALA A 50 6.76 2.83 6.13
N GLY A 51 8.07 2.66 5.96
CA GLY A 51 8.95 3.80 5.80
C GLY A 51 10.41 3.39 5.93
N SER A 52 10.68 2.60 6.96
CA SER A 52 12.03 2.11 7.19
C SER A 52 12.14 0.65 6.74
N THR A 53 11.66 0.40 5.53
CA THR A 53 11.82 -0.91 4.92
C THR A 53 11.50 -2.02 5.93
N THR A 54 12.55 -2.61 6.47
CA THR A 54 12.44 -3.91 7.09
C THR A 54 11.40 -4.76 6.35
N LEU A 55 11.62 -4.93 5.06
CA LEU A 55 10.77 -5.80 4.26
C LEU A 55 11.42 -7.18 4.18
N GLY A 56 12.66 -7.19 3.73
CA GLY A 56 13.41 -8.43 3.59
C GLY A 56 14.55 -8.29 2.58
N PRO A 57 14.15 -8.18 1.29
CA PRO A 57 15.13 -8.01 0.22
C PRO A 57 15.67 -6.58 0.21
N GLN A 58 14.89 -5.67 0.77
CA GLN A 58 15.28 -4.28 0.84
C GLN A 58 16.52 -4.12 1.73
N ASP A 1 -10.97 -8.14 1.68
CA ASP A 1 -11.96 -8.88 2.44
C ASP A 1 -13.20 -8.01 2.65
N GLN A 2 -13.58 -7.30 1.60
CA GLN A 2 -14.64 -6.33 1.69
C GLN A 2 -14.33 -5.30 2.78
N ASN A 3 -13.45 -4.37 2.43
CA ASN A 3 -12.90 -3.46 3.42
C ASN A 3 -12.28 -2.26 2.71
N CYS A 4 -12.80 -1.07 3.04
CA CYS A 4 -12.24 0.15 2.50
C CYS A 4 -12.07 -0.02 0.99
N ASP A 5 -11.18 0.79 0.44
CA ASP A 5 -10.96 0.79 -1.00
C ASP A 5 -9.81 -0.16 -1.35
N ILE A 6 -8.80 -0.14 -0.50
CA ILE A 6 -7.63 -0.99 -0.70
C ILE A 6 -7.30 -1.04 -2.19
N GLY A 7 -6.59 -0.01 -2.65
CA GLY A 7 -6.21 0.07 -4.04
C GLY A 7 -6.17 1.53 -4.51
N ASN A 8 -6.97 2.35 -3.85
CA ASN A 8 -7.29 3.67 -4.38
C ASN A 8 -6.01 4.47 -4.55
N ILE A 9 -5.31 4.67 -3.43
CA ILE A 9 -4.18 5.59 -3.40
C ILE A 9 -3.03 5.00 -4.21
N THR A 10 -2.93 3.68 -4.16
CA THR A 10 -1.82 2.99 -4.80
C THR A 10 -1.90 3.10 -6.32
N SER A 11 -3.10 2.87 -6.83
CA SER A 11 -3.28 2.67 -8.25
C SER A 11 -2.67 3.84 -9.02
N GLN A 12 -2.89 5.04 -8.50
CA GLN A 12 -2.46 6.25 -9.18
C GLN A 12 -0.94 6.27 -9.29
N CYS A 13 -0.28 6.06 -8.15
CA CYS A 13 1.16 6.15 -8.08
C CYS A 13 1.75 4.99 -8.88
N GLN A 14 1.10 3.84 -8.79
CA GLN A 14 1.59 2.64 -9.42
C GLN A 14 1.65 2.83 -10.93
N MET A 15 0.58 3.38 -11.48
CA MET A 15 0.54 3.70 -12.90
C MET A 15 1.51 4.83 -13.23
N GLN A 16 1.50 5.84 -12.37
CA GLN A 16 2.17 7.10 -12.69
C GLN A 16 3.67 6.88 -12.83
N HIS A 17 4.25 6.30 -11.79
CA HIS A 17 5.70 6.22 -11.68
C HIS A 17 6.10 4.95 -10.93
N LYS A 18 5.91 3.83 -11.60
CA LYS A 18 6.20 2.54 -10.98
C LYS A 18 6.25 1.46 -12.08
N ASN A 19 7.46 1.22 -12.55
CA ASN A 19 7.73 0.02 -13.32
C ASN A 19 7.45 -1.21 -12.46
N CYS A 20 6.66 -2.12 -13.03
CA CYS A 20 5.93 -3.07 -12.21
C CYS A 20 4.94 -2.31 -11.34
N GLU A 21 3.69 -2.72 -11.41
CA GLU A 21 2.63 -2.08 -10.65
C GLU A 21 2.37 -2.84 -9.35
N ASP A 22 3.24 -3.80 -9.08
CA ASP A 22 3.10 -4.61 -7.88
C ASP A 22 3.39 -3.74 -6.65
N ALA A 23 2.46 -3.80 -5.70
CA ALA A 23 2.58 -2.99 -4.50
C ALA A 23 3.77 -3.48 -3.67
N ASN A 24 3.80 -4.78 -3.46
CA ASN A 24 4.72 -5.37 -2.50
C ASN A 24 6.02 -5.73 -3.21
N GLY A 25 5.94 -5.76 -4.54
CA GLY A 25 7.04 -6.28 -5.34
C GLY A 25 8.20 -5.29 -5.39
N CYS A 26 7.97 -4.19 -6.11
CA CYS A 26 9.02 -3.20 -6.33
C CYS A 26 9.13 -2.34 -5.07
N ASP A 27 7.97 -1.99 -4.53
CA ASP A 27 7.91 -1.46 -3.19
C ASP A 27 9.03 -0.42 -2.99
N THR A 28 8.96 0.63 -3.80
CA THR A 28 9.94 1.70 -3.73
C THR A 28 9.24 3.07 -3.69
N ILE A 29 8.60 3.39 -4.80
CA ILE A 29 7.95 4.69 -4.92
C ILE A 29 6.55 4.61 -4.30
N ILE A 30 5.94 3.44 -4.44
CA ILE A 30 4.60 3.22 -3.90
C ILE A 30 4.66 3.33 -2.38
N GLU A 31 5.83 3.05 -1.83
CA GLU A 31 5.94 2.70 -0.43
C GLU A 31 5.26 3.77 0.44
N GLU A 32 5.57 5.02 0.12
CA GLU A 32 5.02 6.14 0.88
C GLU A 32 3.61 6.47 0.41
N CYS A 33 3.41 6.33 -0.91
CA CYS A 33 2.11 6.58 -1.49
C CYS A 33 1.10 5.60 -0.88
N LYS A 34 1.64 4.46 -0.44
CA LYS A 34 0.79 3.37 0.00
C LYS A 34 0.32 3.63 1.43
N THR A 35 1.26 3.49 2.36
CA THR A 35 0.91 3.42 3.77
C THR A 35 0.17 4.68 4.20
N SER A 36 0.39 5.75 3.45
CA SER A 36 -0.34 6.98 3.67
C SER A 36 -1.78 6.68 4.07
N MET A 37 -2.52 6.11 3.13
CA MET A 37 -3.93 5.83 3.35
C MET A 37 -4.15 4.36 3.72
N VAL A 38 -3.22 3.53 3.29
CA VAL A 38 -3.41 2.09 3.32
C VAL A 38 -3.09 1.57 4.72
N GLU A 39 -2.62 2.47 5.57
CA GLU A 39 -2.52 2.20 6.99
C GLU A 39 -3.89 1.84 7.56
N ARG A 40 -4.91 2.48 7.00
CA ARG A 40 -6.28 2.17 7.36
C ARG A 40 -6.66 0.78 6.82
N CYS A 41 -6.13 0.47 5.65
CA CYS A 41 -6.48 -0.76 4.98
C CYS A 41 -5.40 -1.81 5.29
N GLN A 42 -4.61 -1.50 6.31
CA GLN A 42 -3.52 -2.38 6.69
C GLN A 42 -4.05 -3.79 6.96
N ASN A 43 -5.31 -3.86 7.33
CA ASN A 43 -5.99 -5.13 7.48
C ASN A 43 -5.64 -6.03 6.29
N GLN A 44 -5.93 -5.52 5.11
CA GLN A 44 -5.87 -6.34 3.91
C GLN A 44 -4.48 -6.27 3.28
N GLU A 45 -3.96 -5.06 3.20
CA GLU A 45 -2.64 -4.84 2.65
C GLU A 45 -1.60 -5.68 3.42
N PHE A 46 -1.86 -5.85 4.70
CA PHE A 46 -0.97 -6.61 5.56
C PHE A 46 0.38 -5.90 5.69
N GLU A 47 0.35 -4.59 5.53
CA GLU A 47 1.56 -3.79 5.66
C GLU A 47 2.10 -3.89 7.09
N SER A 48 3.42 -4.02 7.17
CA SER A 48 4.10 -4.05 8.46
C SER A 48 3.52 -5.16 9.33
N ALA A 49 3.07 -6.22 8.67
CA ALA A 49 2.60 -7.40 9.37
C ALA A 49 2.96 -8.65 8.55
N ALA A 50 4.01 -8.52 7.76
CA ALA A 50 4.34 -9.54 6.78
C ALA A 50 5.04 -10.71 7.47
N GLY A 51 5.81 -10.37 8.50
CA GLY A 51 6.50 -11.38 9.28
C GLY A 51 6.36 -11.11 10.77
N SER A 52 5.21 -10.57 11.15
CA SER A 52 4.91 -10.32 12.55
C SER A 52 3.42 -10.06 12.72
N THR A 53 2.91 -10.51 13.86
CA THR A 53 1.50 -10.32 14.18
C THR A 53 0.63 -10.81 13.03
N THR A 54 0.92 -12.03 12.59
CA THR A 54 0.24 -12.59 11.42
C THR A 54 -1.13 -13.13 11.81
N LEU A 55 -1.99 -12.23 12.26
CA LEU A 55 -3.28 -12.62 12.81
C LEU A 55 -4.17 -11.39 12.92
N GLY A 56 -3.62 -10.36 13.56
CA GLY A 56 -4.41 -9.17 13.86
C GLY A 56 -5.12 -8.65 12.61
N PRO A 57 -4.31 -8.22 11.62
CA PRO A 57 -4.84 -7.53 10.46
C PRO A 57 -5.53 -8.50 9.51
N GLN A 58 -4.86 -9.64 9.31
CA GLN A 58 -5.47 -10.73 8.55
C GLN A 58 -4.77 -12.05 8.88
N ASP A 1 -10.54 -7.41 -5.03
CA ASP A 1 -11.32 -6.53 -4.18
C ASP A 1 -12.06 -7.35 -3.13
N GLN A 2 -11.99 -6.86 -1.90
CA GLN A 2 -12.67 -7.54 -0.80
C GLN A 2 -13.05 -6.54 0.29
N ASN A 3 -12.09 -5.68 0.63
CA ASN A 3 -12.31 -4.65 1.62
C ASN A 3 -11.60 -3.37 1.19
N CYS A 4 -12.00 -2.27 1.80
CA CYS A 4 -11.26 -1.02 1.66
C CYS A 4 -11.30 -0.60 0.20
N ASP A 5 -10.29 -1.02 -0.54
CA ASP A 5 -10.13 -0.62 -1.93
C ASP A 5 -8.81 -1.16 -2.48
N ILE A 6 -7.77 -1.00 -1.68
CA ILE A 6 -6.48 -1.60 -2.00
C ILE A 6 -6.00 -1.05 -3.34
N GLY A 7 -6.61 0.05 -3.75
CA GLY A 7 -6.27 0.66 -5.02
C GLY A 7 -6.54 2.17 -4.99
N ASN A 8 -6.47 2.73 -3.80
CA ASN A 8 -6.97 4.08 -3.58
C ASN A 8 -5.81 5.07 -3.77
N ILE A 9 -4.64 4.66 -3.29
CA ILE A 9 -3.43 5.42 -3.55
C ILE A 9 -2.53 4.65 -4.52
N THR A 10 -2.43 3.35 -4.27
CA THR A 10 -1.42 2.54 -4.91
C THR A 10 -1.60 2.57 -6.43
N SER A 11 -2.84 2.39 -6.85
CA SER A 11 -3.16 2.40 -8.27
C SER A 11 -2.60 3.65 -8.93
N GLN A 12 -2.81 4.78 -8.27
CA GLN A 12 -2.47 6.07 -8.84
C GLN A 12 -0.95 6.22 -8.93
N CYS A 13 -0.29 5.95 -7.81
CA CYS A 13 1.14 6.20 -7.71
C CYS A 13 1.87 5.15 -8.55
N GLN A 14 1.24 4.00 -8.68
CA GLN A 14 1.79 2.94 -9.50
C GLN A 14 1.75 3.33 -10.98
N MET A 15 0.57 3.77 -11.41
CA MET A 15 0.40 4.19 -12.79
C MET A 15 1.32 5.37 -13.12
N GLN A 16 1.50 6.23 -12.14
CA GLN A 16 2.38 7.38 -12.29
C GLN A 16 3.82 6.92 -12.52
N HIS A 17 4.27 6.04 -11.62
CA HIS A 17 5.65 5.56 -11.69
C HIS A 17 5.74 4.23 -10.94
N LYS A 18 6.06 3.18 -11.70
CA LYS A 18 6.39 1.91 -11.11
C LYS A 18 6.86 0.94 -12.20
N ASN A 19 6.03 0.82 -13.22
CA ASN A 19 6.20 -0.25 -14.19
C ASN A 19 6.27 -1.59 -13.46
N CYS A 20 5.30 -1.82 -12.59
CA CYS A 20 5.32 -2.98 -11.73
C CYS A 20 3.88 -3.28 -11.29
N GLU A 21 3.24 -2.26 -10.76
CA GLU A 21 1.81 -2.33 -10.50
C GLU A 21 1.50 -3.46 -9.52
N ASP A 22 2.24 -3.47 -8.42
CA ASP A 22 1.99 -4.41 -7.35
C ASP A 22 2.36 -3.76 -6.00
N ALA A 23 1.35 -3.66 -5.15
CA ALA A 23 1.54 -3.01 -3.86
C ALA A 23 2.43 -3.88 -2.97
N ASN A 24 2.24 -5.19 -3.11
CA ASN A 24 2.94 -6.14 -2.26
C ASN A 24 4.34 -6.39 -2.82
N GLY A 25 4.50 -6.07 -4.10
CA GLY A 25 5.68 -6.49 -4.83
C GLY A 25 6.81 -5.46 -4.68
N CYS A 26 6.86 -4.55 -5.63
CA CYS A 26 8.03 -3.69 -5.79
C CYS A 26 8.06 -2.72 -4.61
N ASP A 27 6.98 -1.95 -4.49
CA ASP A 27 6.79 -1.11 -3.32
C ASP A 27 8.11 -0.38 -3.00
N THR A 28 8.42 0.60 -3.84
CA THR A 28 9.60 1.43 -3.63
C THR A 28 9.22 2.90 -3.61
N ILE A 29 8.64 3.34 -4.72
CA ILE A 29 8.21 4.72 -4.84
C ILE A 29 6.80 4.87 -4.26
N ILE A 30 6.23 3.73 -3.87
CA ILE A 30 4.95 3.73 -3.19
C ILE A 30 5.19 3.69 -1.68
N GLU A 31 6.46 3.74 -1.30
CA GLU A 31 6.83 3.77 0.09
C GLU A 31 6.06 4.88 0.83
N GLU A 32 6.06 6.06 0.22
CA GLU A 32 5.41 7.20 0.82
C GLU A 32 3.90 7.16 0.57
N CYS A 33 3.55 6.77 -0.64
CA CYS A 33 2.15 6.77 -1.06
C CYS A 33 1.39 5.80 -0.15
N LYS A 34 2.00 4.66 0.10
CA LYS A 34 1.28 3.51 0.61
C LYS A 34 0.77 3.82 2.01
N THR A 35 1.69 3.84 2.96
CA THR A 35 1.34 3.78 4.37
C THR A 35 0.38 4.91 4.72
N SER A 36 0.52 6.02 4.00
CA SER A 36 -0.31 7.19 4.24
C SER A 36 -1.78 6.77 4.34
N MET A 37 -2.26 6.16 3.27
CA MET A 37 -3.67 5.81 3.18
C MET A 37 -3.91 4.36 3.60
N VAL A 38 -2.85 3.57 3.53
CA VAL A 38 -2.96 2.13 3.70
C VAL A 38 -2.78 1.79 5.18
N GLU A 39 -2.64 2.83 5.98
CA GLU A 39 -2.74 2.67 7.42
C GLU A 39 -4.03 1.95 7.79
N ARG A 40 -5.12 2.42 7.21
CA ARG A 40 -6.40 1.74 7.34
C ARG A 40 -6.41 0.46 6.51
N CYS A 41 -5.91 0.57 5.29
CA CYS A 41 -6.07 -0.48 4.31
C CYS A 41 -5.05 -1.58 4.61
N GLN A 42 -4.34 -1.40 5.71
CA GLN A 42 -3.67 -2.51 6.36
C GLN A 42 -4.59 -3.73 6.43
N ASN A 43 -5.88 -3.45 6.52
CA ASN A 43 -6.87 -4.50 6.49
C ASN A 43 -6.51 -5.51 5.39
N GLN A 44 -6.09 -4.97 4.25
CA GLN A 44 -5.60 -5.81 3.17
C GLN A 44 -4.08 -5.95 3.27
N GLU A 45 -3.40 -4.81 3.16
CA GLU A 45 -1.97 -4.81 2.94
C GLU A 45 -1.23 -5.20 4.23
N PHE A 46 -0.12 -5.90 4.05
CA PHE A 46 0.78 -6.18 5.16
C PHE A 46 1.58 -4.94 5.56
N GLU A 47 0.86 -3.96 6.08
CA GLU A 47 1.49 -2.70 6.48
C GLU A 47 2.46 -2.94 7.64
N SER A 48 1.98 -3.68 8.62
CA SER A 48 2.81 -4.03 9.76
C SER A 48 2.25 -5.27 10.45
N ALA A 49 3.10 -5.90 11.26
CA ALA A 49 2.65 -6.98 12.13
C ALA A 49 2.06 -6.40 13.40
N ALA A 50 2.67 -5.31 13.85
CA ALA A 50 2.23 -4.67 15.08
C ALA A 50 2.73 -3.22 15.10
N GLY A 51 2.11 -2.42 15.96
CA GLY A 51 2.47 -1.01 16.07
C GLY A 51 1.87 -0.21 14.90
N SER A 52 0.56 -0.04 14.96
CA SER A 52 -0.16 0.51 13.82
C SER A 52 -1.55 0.99 14.27
N THR A 53 -2.18 1.77 13.40
CA THR A 53 -3.53 2.23 13.65
C THR A 53 -3.71 2.58 15.12
N THR A 54 -2.85 3.46 15.61
CA THR A 54 -3.03 4.06 16.92
C THR A 54 -3.83 5.36 16.81
N LEU A 55 -3.35 6.23 15.93
CA LEU A 55 -4.04 7.48 15.68
C LEU A 55 -4.13 7.70 14.17
N GLY A 56 -4.52 6.65 13.47
CA GLY A 56 -4.60 6.71 12.02
C GLY A 56 -5.95 7.27 11.56
N PRO A 57 -6.25 7.03 10.26
CA PRO A 57 -7.51 7.49 9.68
C PRO A 57 -8.68 6.62 10.15
N GLN A 58 -8.34 5.58 10.89
CA GLN A 58 -9.35 4.75 11.51
C GLN A 58 -10.45 5.60 12.13
N ASP A 1 -14.99 -0.71 -3.22
CA ASP A 1 -14.94 -1.01 -1.80
C ASP A 1 -15.15 -2.52 -1.60
N GLN A 2 -14.66 -3.01 -0.46
CA GLN A 2 -14.71 -4.43 -0.18
C GLN A 2 -14.50 -4.69 1.31
N ASN A 3 -13.44 -4.08 1.83
CA ASN A 3 -13.17 -4.13 3.26
C ASN A 3 -12.64 -2.78 3.73
N CYS A 4 -11.75 -2.22 2.94
CA CYS A 4 -11.54 -0.79 2.93
C CYS A 4 -11.30 -0.33 1.50
N ASP A 5 -10.03 -0.11 1.18
CA ASP A 5 -9.68 0.68 0.01
C ASP A 5 -8.16 0.69 -0.15
N ILE A 6 -7.61 -0.51 -0.30
CA ILE A 6 -6.16 -0.67 -0.31
C ILE A 6 -5.60 -0.09 -1.61
N GLY A 7 -6.42 -0.14 -2.64
CA GLY A 7 -5.93 -0.01 -4.00
C GLY A 7 -6.19 1.39 -4.56
N ASN A 8 -6.87 2.19 -3.76
CA ASN A 8 -7.54 3.37 -4.27
C ASN A 8 -6.49 4.43 -4.65
N ILE A 9 -5.44 4.47 -3.85
CA ILE A 9 -4.41 5.49 -4.01
C ILE A 9 -3.35 4.99 -5.01
N THR A 10 -3.05 3.70 -4.88
CA THR A 10 -1.93 3.13 -5.62
C THR A 10 -2.30 2.91 -7.08
N SER A 11 -3.60 2.90 -7.34
CA SER A 11 -4.11 3.01 -8.69
C SER A 11 -3.47 4.21 -9.39
N GLN A 12 -3.33 5.28 -8.63
CA GLN A 12 -2.81 6.53 -9.17
C GLN A 12 -1.28 6.50 -9.20
N CYS A 13 -0.71 5.93 -8.15
CA CYS A 13 0.72 6.02 -7.91
C CYS A 13 1.43 5.11 -8.92
N GLN A 14 0.91 3.89 -9.03
CA GLN A 14 1.67 2.82 -9.66
C GLN A 14 1.95 3.15 -11.12
N MET A 15 0.89 3.53 -11.82
CA MET A 15 1.02 3.88 -13.23
C MET A 15 1.96 5.06 -13.44
N GLN A 16 2.09 5.86 -12.39
CA GLN A 16 2.79 7.12 -12.49
C GLN A 16 4.30 6.89 -12.29
N HIS A 17 4.62 6.15 -11.25
CA HIS A 17 6.01 5.99 -10.84
C HIS A 17 6.20 4.63 -10.17
N LYS A 18 5.64 3.61 -10.81
CA LYS A 18 6.13 2.26 -10.64
C LYS A 18 6.37 1.63 -12.02
N ASN A 19 7.60 1.18 -12.22
CA ASN A 19 7.85 0.06 -13.11
C ASN A 19 7.25 -1.21 -12.50
N CYS A 20 6.72 -2.06 -13.37
CA CYS A 20 6.32 -3.39 -12.96
C CYS A 20 4.93 -3.31 -12.33
N GLU A 21 4.72 -2.23 -11.60
CA GLU A 21 3.39 -1.68 -11.45
C GLU A 21 2.55 -2.56 -10.51
N ASP A 22 3.16 -2.95 -9.40
CA ASP A 22 2.52 -3.83 -8.46
C ASP A 22 2.80 -3.35 -7.03
N ALA A 23 1.97 -3.80 -6.10
CA ALA A 23 2.34 -3.79 -4.71
C ALA A 23 3.10 -5.08 -4.37
N ASN A 24 3.61 -5.13 -3.15
CA ASN A 24 4.47 -6.23 -2.74
C ASN A 24 5.35 -6.65 -3.93
N GLY A 25 5.85 -5.65 -4.63
CA GLY A 25 6.71 -5.89 -5.77
C GLY A 25 7.33 -4.59 -6.29
N CYS A 26 8.65 -4.54 -6.26
CA CYS A 26 9.37 -3.42 -6.81
C CYS A 26 9.23 -2.23 -5.86
N ASP A 27 8.64 -2.51 -4.70
CA ASP A 27 8.10 -1.46 -3.86
C ASP A 27 9.20 -0.45 -3.55
N THR A 28 9.01 0.76 -4.08
CA THR A 28 9.95 1.84 -3.86
C THR A 28 9.24 3.10 -3.37
N ILE A 29 8.44 3.67 -4.27
CA ILE A 29 7.71 4.87 -3.96
C ILE A 29 6.32 4.49 -3.40
N ILE A 30 5.89 3.30 -3.78
CA ILE A 30 4.58 2.81 -3.34
C ILE A 30 4.58 2.65 -1.82
N GLU A 31 5.78 2.54 -1.27
CA GLU A 31 5.94 2.35 0.16
C GLU A 31 5.26 3.48 0.92
N GLU A 32 5.48 4.70 0.43
CA GLU A 32 4.88 5.87 1.04
C GLU A 32 3.46 6.08 0.48
N CYS A 33 3.35 5.94 -0.84
CA CYS A 33 2.14 6.34 -1.53
C CYS A 33 0.99 5.46 -1.05
N LYS A 34 1.34 4.24 -0.68
CA LYS A 34 0.35 3.28 -0.21
C LYS A 34 -0.02 3.61 1.25
N THR A 35 0.98 3.48 2.11
CA THR A 35 0.72 3.51 3.55
C THR A 35 0.00 4.79 3.94
N SER A 36 0.27 5.84 3.18
CA SER A 36 -0.36 7.12 3.44
C SER A 36 -1.86 6.92 3.72
N MET A 37 -2.53 6.30 2.77
CA MET A 37 -3.97 6.13 2.86
C MET A 37 -4.32 4.77 3.44
N VAL A 38 -3.38 3.83 3.31
CA VAL A 38 -3.68 2.43 3.55
C VAL A 38 -3.37 2.09 5.01
N GLU A 39 -2.92 3.10 5.74
CA GLU A 39 -2.70 2.96 7.17
C GLU A 39 -3.91 2.31 7.83
N ARG A 40 -5.08 2.80 7.44
CA ARG A 40 -6.33 2.36 8.07
C ARG A 40 -6.89 1.16 7.31
N CYS A 41 -6.36 0.94 6.12
CA CYS A 41 -6.77 -0.19 5.30
C CYS A 41 -5.72 -1.30 5.47
N GLN A 42 -4.94 -1.17 6.55
CA GLN A 42 -3.83 -2.07 6.76
C GLN A 42 -4.31 -3.52 6.75
N ASN A 43 -5.55 -3.72 7.15
CA ASN A 43 -6.07 -5.05 7.40
C ASN A 43 -5.68 -5.96 6.23
N GLN A 44 -5.97 -5.49 5.02
CA GLN A 44 -5.95 -6.35 3.86
C GLN A 44 -4.57 -6.34 3.21
N GLU A 45 -3.89 -5.20 3.34
CA GLU A 45 -2.54 -5.06 2.84
C GLU A 45 -1.55 -5.78 3.76
N PHE A 46 -2.00 -6.00 5.00
CA PHE A 46 -1.08 -6.30 6.08
C PHE A 46 0.27 -5.64 5.85
N GLU A 47 0.25 -4.32 5.78
CA GLU A 47 1.43 -3.53 6.10
C GLU A 47 2.09 -4.06 7.37
N SER A 48 3.39 -4.30 7.26
CA SER A 48 4.09 -5.10 8.25
C SER A 48 3.44 -6.48 8.36
N ALA A 49 3.99 -7.41 7.59
CA ALA A 49 3.32 -8.69 7.38
C ALA A 49 3.51 -9.56 8.62
N ALA A 50 2.71 -9.27 9.64
CA ALA A 50 2.65 -10.13 10.82
C ALA A 50 1.60 -11.22 10.59
N GLY A 51 1.79 -12.33 11.28
CA GLY A 51 0.87 -13.45 11.19
C GLY A 51 -0.44 -13.13 11.91
N SER A 52 -1.22 -12.25 11.29
CA SER A 52 -2.46 -11.80 11.91
C SER A 52 -3.36 -11.16 10.84
N THR A 53 -2.83 -10.11 10.22
CA THR A 53 -3.63 -9.32 9.30
C THR A 53 -4.72 -8.56 10.06
N THR A 54 -4.58 -8.54 11.36
CA THR A 54 -5.50 -7.80 12.20
C THR A 54 -6.84 -8.54 12.33
N LEU A 55 -7.53 -8.62 11.20
CA LEU A 55 -8.85 -9.23 11.17
C LEU A 55 -9.10 -9.84 9.80
N GLY A 56 -9.96 -10.85 9.77
CA GLY A 56 -10.40 -11.43 8.53
C GLY A 56 -11.92 -11.33 8.38
N PRO A 57 -12.38 -10.17 7.85
CA PRO A 57 -13.79 -9.98 7.54
C PRO A 57 -14.19 -10.75 6.29
N GLN A 58 -15.47 -11.06 6.20
CA GLN A 58 -15.99 -11.79 5.05
C GLN A 58 -15.15 -13.04 4.80
#